data_8B5S
#
_entry.id   8B5S
#
_cell.length_a   58.633
_cell.length_b   94.426
_cell.length_c   70.170
_cell.angle_alpha   90.00
_cell.angle_beta   101.41
_cell.angle_gamma   90.00
#
_symmetry.space_group_name_H-M   'P 1 21 1'
#
loop_
_entity.id
_entity.type
_entity.pdbx_description
1 polymer 'UDP-glucose:(Heptosyl) LPS alpha 1,3-glucosyltransferase WaaG'
2 polymer 'UDP-glucose:(Heptosyl) LPS alpha 1,3-glucosyltransferase WaaG'
3 non-polymer "URIDINE-5'-DIPHOSPHATE"
4 non-polymer "URIDINE-5'-DIPHOSPHATE-GLUCOSE"
5 water water
#
loop_
_entity_poly.entity_id
_entity_poly.type
_entity_poly.pdbx_seq_one_letter_code
_entity_poly.pdbx_strand_id
1 'polypeptide(L)'
;MATLAFILYKYFPFGGLQRDFMRIALECQRRGHDIRVYTLIWEGDVPDGFEVLVAPVRSIFNHRRNEKFTAWVRADLDRR
PVQRVIGFNKMPGLDVYYAADACFEEKAQTLRNPLYRQWGRYRHFAGYERAVFDPASKTEILMISEVQQPLFVKHYGTQA
ERFHLLPPGISQDRRAPANAADVRAEFRREFGLEEDDLLLVQIGSGFKTKGLDRSLKALSALPKALRRRTRLIAIGQDDP
KPFLLQIAALGLNDQVQILKGRSDIPRFLLGADLLIHPAYNENTGTVLLEALVSGLPVLVTDVCGYAHYIAEADAGRVLP
SPFEQDSLNRLLAEMLEDAPARAAWSRNGLAYADHADLYSMPQRAADLILGEAS
;
A
2 'polypeptide(L)'
;ATLAFILYKYFPFGGLQRDFMRIALECQRRGHDIRVYTLIWEGDVPDGFEVLVAPVRSIFNHRRNEKFTAWVRADLDRRP
VQRVIGFNKMPGLDVYYAADACFEEKAQTLRNPLYRQWGRYRHFAGYERAVFDPASKTEILMISEVQQPLFVKHYGTQAE
RFHLLPPGISQDRRAPANAADVRAEFRREFGLEEDDLLLVQIGSGFKTKGLDRSLKALSALPKALRRRTRLIAIGQDDPK
PFLLQIAALGLNDQVQILKGRSDIPRFLLGADLLIHPAYNENTGTVLLEALVSGLPVLVTDVCGYAHYIAEADAGRVLPS
PFEQDSLNRLLAEMLEDAPARAAWSRNGLAYADHADLYSMPQRAADLILG
;
B
#
# COMPACT_ATOMS: atom_id res chain seq x y z
N ALA A 2 11.81 -30.64 7.77
CA ALA A 2 10.99 -29.89 8.74
C ALA A 2 10.40 -28.64 8.07
N THR A 3 11.28 -27.70 7.67
CA THR A 3 10.85 -26.35 7.33
C THR A 3 10.78 -26.16 5.82
N LEU A 4 9.67 -25.56 5.37
CA LEU A 4 9.47 -25.13 4.00
C LEU A 4 9.46 -23.60 3.96
N ALA A 5 10.18 -23.02 2.99
CA ALA A 5 10.18 -21.59 2.79
C ALA A 5 9.31 -21.24 1.58
N PHE A 6 8.28 -20.41 1.80
CA PHE A 6 7.46 -19.88 0.73
C PHE A 6 7.81 -18.41 0.50
N ILE A 7 7.95 -18.01 -0.77
CA ILE A 7 8.31 -16.64 -1.10
C ILE A 7 7.26 -16.07 -2.07
N LEU A 8 6.67 -14.94 -1.67
CA LEU A 8 5.83 -14.16 -2.57
C LEU A 8 5.96 -12.69 -2.20
N TYR A 9 5.97 -11.81 -3.21
CA TYR A 9 6.23 -10.41 -2.99
C TYR A 9 5.13 -9.79 -2.13
N LYS A 10 3.87 -10.22 -2.32
CA LYS A 10 2.74 -9.59 -1.64
C LYS A 10 1.71 -10.64 -1.23
N TYR A 11 1.32 -10.63 0.06
CA TYR A 11 0.18 -11.41 0.50
C TYR A 11 -0.98 -10.48 0.88
N PHE A 12 -2.16 -10.87 0.40
CA PHE A 12 -3.43 -10.21 0.69
C PHE A 12 -4.54 -11.20 0.37
N PRO A 13 -5.74 -11.10 0.99
CA PRO A 13 -6.78 -12.11 0.81
C PRO A 13 -7.38 -12.24 -0.58
N PHE A 14 -7.54 -11.12 -1.31
CA PHE A 14 -8.37 -11.13 -2.52
C PHE A 14 -7.51 -11.14 -3.78
N GLY A 15 -6.78 -12.24 -3.98
CA GLY A 15 -6.05 -12.52 -5.20
C GLY A 15 -5.87 -14.02 -5.40
N GLY A 16 -5.74 -14.44 -6.67
CA GLY A 16 -5.59 -15.86 -7.00
C GLY A 16 -4.26 -16.45 -6.51
N LEU A 17 -3.15 -15.79 -6.86
CA LEU A 17 -1.81 -16.20 -6.42
C LEU A 17 -1.80 -16.39 -4.91
N GLN A 18 -2.34 -15.38 -4.20
CA GLN A 18 -2.34 -15.32 -2.75
C GLN A 18 -3.16 -16.48 -2.17
N ARG A 19 -4.36 -16.71 -2.72
CA ARG A 19 -5.24 -17.76 -2.25
C ARG A 19 -4.64 -19.13 -2.53
N ASP A 20 -4.00 -19.29 -3.69
CA ASP A 20 -3.36 -20.53 -4.08
C ASP A 20 -2.22 -20.84 -3.13
N PHE A 21 -1.37 -19.83 -2.89
CA PHE A 21 -0.28 -19.94 -1.92
C PHE A 21 -0.80 -20.42 -0.57
N MET A 22 -1.88 -19.80 -0.08
CA MET A 22 -2.38 -20.10 1.26
C MET A 22 -2.88 -21.54 1.33
N ARG A 23 -3.62 -21.98 0.30
CA ARG A 23 -4.13 -23.34 0.23
C ARG A 23 -2.98 -24.35 0.27
N ILE A 24 -1.90 -24.10 -0.47
CA ILE A 24 -0.76 -25.01 -0.54
C ILE A 24 -0.04 -25.05 0.80
N ALA A 25 0.19 -23.88 1.38
CA ALA A 25 0.93 -23.76 2.63
C ALA A 25 0.21 -24.50 3.74
N LEU A 26 -1.13 -24.35 3.79
CA LEU A 26 -1.93 -24.97 4.82
C LEU A 26 -1.89 -26.49 4.67
N GLU A 27 -1.94 -26.97 3.42
CA GLU A 27 -1.89 -28.39 3.11
C GLU A 27 -0.55 -28.96 3.59
N CYS A 28 0.55 -28.28 3.25
CA CYS A 28 1.89 -28.72 3.63
C CYS A 28 2.03 -28.75 5.16
N GLN A 29 1.45 -27.76 5.83
CA GLN A 29 1.48 -27.70 7.29
C GLN A 29 0.77 -28.91 7.89
N ARG A 30 -0.38 -29.28 7.30
CA ARG A 30 -1.19 -30.38 7.82
C ARG A 30 -0.45 -31.72 7.71
N ARG A 31 0.53 -31.80 6.80
CA ARG A 31 1.35 -33.00 6.65
C ARG A 31 2.52 -32.99 7.63
N GLY A 32 2.63 -31.92 8.43
CA GLY A 32 3.52 -31.87 9.58
C GLY A 32 4.77 -31.03 9.33
N HIS A 33 4.72 -30.10 8.36
CA HIS A 33 5.86 -29.28 8.02
C HIS A 33 5.71 -27.90 8.66
N ASP A 34 6.85 -27.30 9.02
CA ASP A 34 6.88 -25.93 9.51
C ASP A 34 6.88 -24.97 8.33
N ILE A 35 6.12 -23.89 8.46
CA ILE A 35 5.90 -22.95 7.37
C ILE A 35 6.61 -21.64 7.66
N ARG A 36 7.54 -21.28 6.77
CA ARG A 36 8.17 -19.97 6.78
C ARG A 36 7.77 -19.22 5.51
N VAL A 37 7.51 -17.92 5.65
CA VAL A 37 7.08 -17.09 4.52
C VAL A 37 7.94 -15.83 4.48
N TYR A 38 8.51 -15.55 3.29
CA TYR A 38 9.20 -14.30 3.03
C TYR A 38 8.35 -13.44 2.09
N THR A 39 8.15 -12.17 2.46
CA THR A 39 7.30 -11.28 1.68
C THR A 39 7.73 -9.84 1.88
N LEU A 40 7.21 -8.94 1.03
CA LEU A 40 7.41 -7.50 1.19
C LEU A 40 6.26 -6.89 1.99
N ILE A 41 5.08 -7.53 1.97
CA ILE A 41 3.92 -7.02 2.67
C ILE A 41 2.94 -8.17 2.92
N TRP A 42 2.39 -8.20 4.14
CA TRP A 42 1.39 -9.19 4.51
C TRP A 42 0.15 -8.50 5.10
N GLU A 43 -0.96 -8.58 4.37
CA GLU A 43 -2.23 -8.05 4.82
C GLU A 43 -3.07 -9.17 5.41
N GLY A 44 -3.46 -9.01 6.67
CA GLY A 44 -4.41 -9.90 7.32
C GLY A 44 -3.77 -10.68 8.45
N ASP A 45 -4.54 -11.60 9.04
CA ASP A 45 -4.04 -12.41 10.14
C ASP A 45 -3.01 -13.39 9.60
N VAL A 46 -2.06 -13.74 10.46
CA VAL A 46 -1.07 -14.77 10.17
C VAL A 46 -1.59 -16.08 10.74
N PRO A 47 -1.81 -17.15 9.93
CA PRO A 47 -2.25 -18.43 10.45
C PRO A 47 -1.32 -18.96 11.54
N ASP A 48 -1.89 -19.66 12.52
N ASP A 48 -1.90 -19.66 12.52
CA ASP A 48 -1.13 -20.20 13.64
CA ASP A 48 -1.15 -20.26 13.61
C ASP A 48 -0.01 -21.10 13.09
C ASP A 48 0.01 -21.08 13.04
N GLY A 49 1.22 -20.85 13.56
CA GLY A 49 2.37 -21.65 13.20
C GLY A 49 3.16 -21.09 12.02
N PHE A 50 2.60 -20.14 11.27
CA PHE A 50 3.31 -19.51 10.17
C PHE A 50 4.36 -18.54 10.72
N GLU A 51 5.60 -18.71 10.25
CA GLU A 51 6.66 -17.73 10.50
C GLU A 51 6.74 -16.79 9.30
N VAL A 52 6.19 -15.57 9.45
CA VAL A 52 6.11 -14.61 8.36
C VAL A 52 7.17 -13.53 8.58
N LEU A 53 8.15 -13.48 7.66
CA LEU A 53 9.19 -12.46 7.66
C LEU A 53 8.88 -11.42 6.59
N VAL A 54 8.70 -10.17 7.01
CA VAL A 54 8.49 -9.05 6.10
C VAL A 54 9.84 -8.32 5.97
N ALA A 55 10.37 -8.25 4.74
CA ALA A 55 11.70 -7.72 4.53
C ALA A 55 11.67 -6.19 4.66
N PRO A 56 12.55 -5.59 5.50
CA PRO A 56 12.62 -4.13 5.62
C PRO A 56 13.46 -3.50 4.52
N VAL A 57 12.97 -3.58 3.28
CA VAL A 57 13.69 -3.06 2.13
C VAL A 57 12.71 -2.29 1.25
N ARG A 58 13.15 -1.12 0.78
CA ARG A 58 12.38 -0.28 -0.11
C ARG A 58 13.33 0.38 -1.12
N SER A 59 12.76 0.88 -2.22
CA SER A 59 13.51 1.58 -3.24
C SER A 59 12.55 2.40 -4.10
N ILE A 60 13.07 3.45 -4.74
CA ILE A 60 12.27 4.23 -5.67
C ILE A 60 11.86 3.35 -6.85
N PHE A 61 12.71 2.38 -7.22
CA PHE A 61 12.40 1.46 -8.31
C PHE A 61 11.94 0.12 -7.74
N ASN A 62 10.74 -0.32 -8.16
N ASN A 62 10.76 -0.34 -8.20
CA ASN A 62 10.17 -1.60 -7.75
CA ASN A 62 10.18 -1.59 -7.75
C ASN A 62 11.17 -2.72 -8.01
C ASN A 62 11.12 -2.75 -8.03
N HIS A 63 11.78 -2.74 -9.20
CA HIS A 63 12.66 -3.81 -9.62
C HIS A 63 13.93 -3.86 -8.75
N ARG A 64 14.38 -2.71 -8.26
CA ARG A 64 15.56 -2.66 -7.40
C ARG A 64 15.19 -3.14 -6.00
N ARG A 65 13.97 -2.83 -5.55
CA ARG A 65 13.46 -3.34 -4.27
C ARG A 65 13.45 -4.87 -4.31
N ASN A 66 13.00 -5.44 -5.43
CA ASN A 66 12.90 -6.88 -5.58
C ASN A 66 14.29 -7.52 -5.50
N GLU A 67 15.31 -6.83 -6.02
CA GLU A 67 16.68 -7.30 -5.97
C GLU A 67 17.19 -7.30 -4.53
N LYS A 68 16.90 -6.23 -3.78
CA LYS A 68 17.26 -6.16 -2.36
C LYS A 68 16.56 -7.26 -1.57
N PHE A 69 15.30 -7.54 -1.93
CA PHE A 69 14.49 -8.57 -1.27
C PHE A 69 15.16 -9.93 -1.43
N THR A 70 15.56 -10.27 -2.65
CA THR A 70 16.26 -11.51 -2.95
C THR A 70 17.48 -11.67 -2.04
N ALA A 71 18.32 -10.64 -1.98
CA ALA A 71 19.55 -10.68 -1.19
C ALA A 71 19.23 -10.86 0.29
N TRP A 72 18.16 -10.20 0.75
CA TRP A 72 17.74 -10.27 2.15
C TRP A 72 17.33 -11.71 2.50
N VAL A 73 16.53 -12.32 1.61
CA VAL A 73 16.03 -13.67 1.82
C VAL A 73 17.20 -14.65 1.81
N ARG A 74 18.12 -14.51 0.85
CA ARG A 74 19.23 -15.44 0.72
C ARG A 74 20.12 -15.36 1.96
N ALA A 75 20.32 -14.15 2.49
CA ALA A 75 21.13 -13.97 3.69
C ALA A 75 20.52 -14.73 4.86
N ASP A 76 19.19 -14.70 4.98
CA ASP A 76 18.50 -15.39 6.06
C ASP A 76 18.61 -16.90 5.87
N LEU A 77 18.47 -17.37 4.62
CA LEU A 77 18.50 -18.79 4.32
C LEU A 77 19.90 -19.36 4.55
N ASP A 78 20.94 -18.52 4.33
CA ASP A 78 22.32 -18.93 4.56
C ASP A 78 22.54 -19.23 6.04
N ARG A 79 21.84 -18.51 6.93
CA ARG A 79 22.00 -18.67 8.37
C ARG A 79 20.92 -19.57 8.95
N ARG A 80 19.77 -19.67 8.29
CA ARG A 80 18.67 -20.51 8.75
C ARG A 80 18.15 -21.36 7.59
N PRO A 81 18.85 -22.45 7.21
CA PRO A 81 18.48 -23.26 6.05
C PRO A 81 17.17 -24.03 6.19
N VAL A 82 16.60 -24.43 5.06
CA VAL A 82 15.29 -25.09 5.00
C VAL A 82 15.39 -26.29 4.06
N GLN A 83 14.33 -27.11 4.05
CA GLN A 83 14.31 -28.32 3.23
C GLN A 83 14.05 -27.98 1.77
N ARG A 84 13.15 -27.03 1.52
CA ARG A 84 12.78 -26.68 0.15
C ARG A 84 12.30 -25.24 0.11
N VAL A 85 12.59 -24.56 -1.02
CA VAL A 85 12.24 -23.18 -1.23
C VAL A 85 11.24 -23.11 -2.39
N ILE A 86 10.03 -22.62 -2.10
CA ILE A 86 8.97 -22.51 -3.09
C ILE A 86 8.63 -21.05 -3.30
N GLY A 87 8.76 -20.57 -4.55
CA GLY A 87 8.45 -19.20 -4.89
C GLY A 87 7.18 -19.10 -5.73
N PHE A 88 6.43 -18.01 -5.53
CA PHE A 88 5.24 -17.68 -6.31
C PHE A 88 5.50 -16.45 -7.18
N ASN A 89 6.74 -15.96 -7.16
CA ASN A 89 7.22 -14.96 -8.09
C ASN A 89 8.58 -15.43 -8.62
N LYS A 90 8.86 -15.12 -9.89
CA LYS A 90 10.09 -15.56 -10.54
C LYS A 90 11.29 -14.86 -9.92
N MET A 91 12.29 -15.65 -9.52
CA MET A 91 13.52 -15.12 -8.95
C MET A 91 14.56 -16.23 -8.88
N PRO A 92 15.86 -15.89 -8.65
CA PRO A 92 16.89 -16.92 -8.43
C PRO A 92 16.66 -17.67 -7.13
N GLY A 93 17.22 -18.88 -7.05
CA GLY A 93 17.35 -19.60 -5.79
C GLY A 93 16.09 -20.40 -5.39
N LEU A 94 15.18 -20.63 -6.34
CA LEU A 94 13.97 -21.40 -6.06
C LEU A 94 14.19 -22.87 -6.41
N ASP A 95 13.74 -23.75 -5.50
CA ASP A 95 13.68 -25.18 -5.78
C ASP A 95 12.45 -25.44 -6.64
N VAL A 96 11.35 -24.71 -6.34
CA VAL A 96 10.07 -24.90 -6.99
C VAL A 96 9.48 -23.52 -7.29
N TYR A 97 8.98 -23.33 -8.51
CA TYR A 97 8.27 -22.09 -8.86
C TYR A 97 6.81 -22.42 -9.21
N TYR A 98 5.88 -21.73 -8.57
CA TYR A 98 4.46 -21.80 -8.90
C TYR A 98 4.14 -20.70 -9.92
N ALA A 99 3.77 -21.11 -11.14
CA ALA A 99 3.71 -20.20 -12.28
C ALA A 99 2.41 -19.39 -12.26
N ALA A 100 2.35 -18.45 -11.34
CA ALA A 100 1.18 -17.59 -11.17
C ALA A 100 1.22 -16.43 -12.16
N ASP A 101 2.28 -16.37 -12.99
CA ASP A 101 2.43 -15.33 -14.00
C ASP A 101 2.64 -15.97 -15.37
N ALA A 102 2.23 -15.25 -16.41
CA ALA A 102 2.47 -15.63 -17.79
C ALA A 102 3.93 -15.36 -18.15
N CYS A 103 4.32 -15.81 -19.35
CA CYS A 103 5.67 -15.62 -19.85
C CYS A 103 5.91 -14.12 -20.13
N PHE A 104 6.88 -13.55 -19.41
CA PHE A 104 7.21 -12.14 -19.50
C PHE A 104 7.87 -11.81 -20.85
N GLU A 105 8.82 -12.65 -21.28
CA GLU A 105 9.56 -12.40 -22.51
C GLU A 105 8.61 -12.32 -23.71
N GLU A 106 7.57 -13.16 -23.73
CA GLU A 106 6.57 -13.14 -24.78
C GLU A 106 5.87 -11.79 -24.79
N LYS A 107 5.45 -11.30 -23.61
CA LYS A 107 4.72 -10.05 -23.52
C LYS A 107 5.62 -8.87 -23.87
N ALA A 108 6.92 -8.96 -23.53
CA ALA A 108 7.88 -7.90 -23.85
C ALA A 108 8.02 -7.75 -25.36
N GLN A 109 7.91 -8.86 -26.10
CA GLN A 109 8.08 -8.87 -27.54
C GLN A 109 6.77 -8.57 -28.26
N THR A 110 5.65 -8.63 -27.53
CA THR A 110 4.34 -8.33 -28.09
C THR A 110 4.08 -6.82 -28.00
N GLN A 118 20.09 -1.91 -21.08
CA GLN A 118 18.74 -1.62 -21.64
C GLN A 118 17.87 -0.98 -20.56
N TRP A 119 16.60 -0.76 -20.92
CA TRP A 119 15.49 -0.63 -19.99
C TRP A 119 15.77 -1.45 -18.73
N GLY A 120 15.91 -0.77 -17.59
CA GLY A 120 16.28 -1.41 -16.34
C GLY A 120 15.25 -2.43 -15.87
N ARG A 121 13.97 -2.07 -16.05
CA ARG A 121 12.85 -2.89 -15.61
C ARG A 121 12.84 -4.19 -16.44
N TYR A 122 12.97 -4.07 -17.76
CA TYR A 122 12.93 -5.22 -18.64
C TYR A 122 14.04 -6.20 -18.26
N ARG A 123 15.27 -5.70 -18.10
CA ARG A 123 16.41 -6.55 -17.84
C ARG A 123 16.25 -7.31 -16.53
N HIS A 124 15.67 -6.64 -15.52
CA HIS A 124 15.46 -7.28 -14.22
C HIS A 124 14.50 -8.46 -14.35
N PHE A 125 13.31 -8.21 -14.91
CA PHE A 125 12.25 -9.20 -14.96
C PHE A 125 12.61 -10.33 -15.93
N ALA A 126 13.30 -10.00 -17.02
CA ALA A 126 13.75 -11.02 -17.97
C ALA A 126 14.80 -11.91 -17.30
N GLY A 127 15.73 -11.28 -16.56
CA GLY A 127 16.78 -12.00 -15.86
C GLY A 127 16.22 -12.95 -14.79
N TYR A 128 15.21 -12.48 -14.04
CA TYR A 128 14.59 -13.29 -13.00
C TYR A 128 13.79 -14.43 -13.60
N GLU A 129 13.15 -14.19 -14.76
CA GLU A 129 12.43 -15.24 -15.46
C GLU A 129 13.40 -16.29 -15.96
N ARG A 130 14.51 -15.84 -16.55
CA ARG A 130 15.54 -16.75 -17.07
C ARG A 130 16.14 -17.55 -15.92
N ALA A 131 16.29 -16.94 -14.74
CA ALA A 131 16.83 -17.64 -13.58
C ALA A 131 16.04 -18.90 -13.27
N VAL A 132 14.72 -18.87 -13.53
CA VAL A 132 13.85 -20.00 -13.29
C VAL A 132 13.88 -20.96 -14.48
N PHE A 133 13.71 -20.42 -15.70
CA PHE A 133 13.35 -21.25 -16.86
C PHE A 133 14.55 -21.66 -17.71
N ASP A 134 15.74 -21.12 -17.43
CA ASP A 134 16.93 -21.48 -18.20
C ASP A 134 17.15 -22.99 -18.10
N PRO A 135 17.55 -23.68 -19.19
CA PRO A 135 17.91 -25.09 -19.13
C PRO A 135 18.93 -25.49 -18.05
N ALA A 136 19.80 -24.55 -17.68
CA ALA A 136 20.83 -24.80 -16.67
C ALA A 136 20.25 -24.71 -15.26
N SER A 137 19.08 -24.07 -15.12
CA SER A 137 18.43 -23.94 -13.81
C SER A 137 17.85 -25.28 -13.37
N LYS A 138 17.77 -25.48 -12.04
CA LYS A 138 17.24 -26.70 -11.46
C LYS A 138 15.77 -26.54 -11.03
N THR A 139 15.24 -25.32 -11.10
CA THR A 139 13.91 -25.03 -10.57
C THR A 139 12.86 -25.92 -11.25
N GLU A 140 12.05 -26.61 -10.42
CA GLU A 140 10.89 -27.34 -10.90
C GLU A 140 9.70 -26.39 -10.98
N ILE A 141 8.90 -26.53 -12.04
CA ILE A 141 7.86 -25.56 -12.36
C ILE A 141 6.49 -26.21 -12.23
N LEU A 142 5.65 -25.65 -11.33
CA LEU A 142 4.25 -26.00 -11.24
C LEU A 142 3.45 -25.08 -12.15
N MET A 143 2.90 -25.64 -13.23
CA MET A 143 2.17 -24.86 -14.22
C MET A 143 0.67 -24.92 -13.92
N ILE A 144 -0.01 -23.78 -14.10
CA ILE A 144 -1.46 -23.73 -13.97
C ILE A 144 -2.11 -23.33 -15.30
N SER A 145 -1.35 -22.63 -16.16
CA SER A 145 -1.82 -22.31 -17.51
C SER A 145 -1.04 -23.13 -18.53
N GLU A 146 -1.70 -24.14 -19.12
CA GLU A 146 -1.07 -24.98 -20.12
C GLU A 146 -0.71 -24.15 -21.35
N VAL A 147 -1.54 -23.14 -21.68
CA VAL A 147 -1.34 -22.29 -22.84
C VAL A 147 0.03 -21.60 -22.79
N GLN A 148 0.53 -21.31 -21.57
CA GLN A 148 1.78 -20.56 -21.43
C GLN A 148 3.00 -21.46 -21.60
N GLN A 149 2.86 -22.78 -21.44
CA GLN A 149 4.01 -23.67 -21.39
C GLN A 149 4.82 -23.61 -22.70
N PRO A 150 4.19 -23.67 -23.89
CA PRO A 150 4.93 -23.56 -25.16
C PRO A 150 5.70 -22.25 -25.34
N LEU A 151 5.22 -21.18 -24.70
CA LEU A 151 5.85 -19.87 -24.80
C LEU A 151 7.13 -19.84 -23.98
N PHE A 152 7.10 -20.41 -22.77
CA PHE A 152 8.30 -20.58 -21.96
C PHE A 152 9.31 -21.45 -22.69
N VAL A 153 8.82 -22.53 -23.33
CA VAL A 153 9.70 -23.45 -24.04
C VAL A 153 10.30 -22.73 -25.25
N LYS A 154 9.48 -21.98 -26.00
CA LYS A 154 9.95 -21.25 -27.16
C LYS A 154 11.09 -20.31 -26.78
N HIS A 155 10.92 -19.59 -25.66
CA HIS A 155 11.80 -18.49 -25.31
C HIS A 155 13.06 -18.99 -24.60
N TYR A 156 12.97 -20.11 -23.86
CA TYR A 156 14.04 -20.53 -22.98
C TYR A 156 14.54 -21.95 -23.25
N GLY A 157 13.72 -22.77 -23.91
CA GLY A 157 14.09 -24.16 -24.20
C GLY A 157 14.02 -25.04 -22.96
N THR A 158 13.18 -24.65 -21.99
CA THR A 158 13.02 -25.36 -20.72
C THR A 158 12.61 -26.80 -20.99
N GLN A 159 13.27 -27.74 -20.30
CA GLN A 159 13.05 -29.17 -20.49
C GLN A 159 11.63 -29.53 -20.06
N ALA A 160 10.96 -30.33 -20.91
CA ALA A 160 9.56 -30.69 -20.72
C ALA A 160 9.34 -31.31 -19.33
N GLU A 161 10.30 -32.12 -18.87
CA GLU A 161 10.15 -32.90 -17.65
C GLU A 161 10.19 -32.01 -16.40
N ARG A 162 10.53 -30.71 -16.55
CA ARG A 162 10.57 -29.80 -15.43
C ARG A 162 9.23 -29.08 -15.23
N PHE A 163 8.27 -29.33 -16.12
CA PHE A 163 6.94 -28.75 -16.02
C PHE A 163 5.98 -29.79 -15.44
N HIS A 164 5.15 -29.37 -14.47
CA HIS A 164 4.14 -30.22 -13.88
C HIS A 164 2.81 -29.45 -13.86
N LEU A 165 1.87 -29.87 -14.71
CA LEU A 165 0.61 -29.17 -14.88
C LEU A 165 -0.32 -29.53 -13.73
N LEU A 166 -0.74 -28.50 -12.97
CA LEU A 166 -1.65 -28.66 -11.85
C LEU A 166 -3.08 -28.45 -12.33
N PRO A 167 -4.07 -29.12 -11.70
CA PRO A 167 -5.47 -28.77 -11.90
C PRO A 167 -5.80 -27.47 -11.17
N PRO A 168 -6.96 -26.84 -11.46
CA PRO A 168 -7.43 -25.69 -10.67
C PRO A 168 -7.64 -26.04 -9.21
N GLY A 169 -7.66 -24.99 -8.37
CA GLY A 169 -7.86 -25.13 -6.93
C GLY A 169 -8.99 -24.24 -6.43
N ILE A 170 -10.16 -24.36 -7.07
CA ILE A 170 -11.35 -23.62 -6.67
C ILE A 170 -11.77 -24.07 -5.28
N SER A 171 -12.09 -23.12 -4.40
CA SER A 171 -12.48 -23.45 -3.04
C SER A 171 -13.93 -23.93 -3.01
N GLN A 172 -14.25 -24.74 -1.99
CA GLN A 172 -15.53 -25.42 -1.88
C GLN A 172 -16.68 -24.42 -1.77
N ASP A 173 -16.43 -23.26 -1.15
CA ASP A 173 -17.49 -22.32 -0.85
C ASP A 173 -17.98 -21.61 -2.12
N ARG A 174 -17.31 -21.81 -3.26
CA ARG A 174 -17.74 -21.22 -4.52
C ARG A 174 -18.79 -22.10 -5.21
N ARG A 175 -18.83 -23.40 -4.87
CA ARG A 175 -19.80 -24.30 -5.47
C ARG A 175 -21.21 -23.93 -5.00
N ALA A 176 -22.16 -23.95 -5.93
CA ALA A 176 -23.54 -23.61 -5.64
C ALA A 176 -24.05 -24.50 -4.50
N PRO A 177 -24.57 -23.92 -3.40
CA PRO A 177 -25.06 -24.72 -2.27
C PRO A 177 -26.48 -25.24 -2.48
N ALA A 178 -26.96 -26.04 -1.53
CA ALA A 178 -28.31 -26.60 -1.58
C ALA A 178 -29.35 -25.49 -1.64
N ASN A 179 -29.07 -24.40 -0.91
CA ASN A 179 -30.00 -23.29 -0.75
C ASN A 179 -29.67 -22.16 -1.74
N ALA A 180 -29.18 -22.51 -2.93
CA ALA A 180 -28.69 -21.54 -3.89
C ALA A 180 -29.80 -20.58 -4.29
N ALA A 181 -31.01 -21.11 -4.51
CA ALA A 181 -32.16 -20.32 -4.92
C ALA A 181 -32.50 -19.27 -3.88
N ASP A 182 -32.35 -19.62 -2.59
CA ASP A 182 -32.67 -18.74 -1.48
C ASP A 182 -31.61 -17.64 -1.35
N VAL A 183 -30.33 -18.01 -1.52
CA VAL A 183 -29.23 -17.06 -1.46
C VAL A 183 -29.39 -16.03 -2.57
N ARG A 184 -29.73 -16.48 -3.78
CA ARG A 184 -29.95 -15.61 -4.91
C ARG A 184 -31.10 -14.64 -4.59
N ALA A 185 -32.21 -15.19 -4.09
CA ALA A 185 -33.40 -14.40 -3.80
C ALA A 185 -33.06 -13.28 -2.82
N GLU A 186 -32.29 -13.62 -1.77
CA GLU A 186 -31.93 -12.67 -0.73
C GLU A 186 -31.00 -11.58 -1.29
N PHE A 187 -30.05 -11.99 -2.12
CA PHE A 187 -29.11 -11.04 -2.72
C PHE A 187 -29.87 -10.04 -3.59
N ARG A 188 -30.74 -10.54 -4.47
CA ARG A 188 -31.43 -9.69 -5.42
C ARG A 188 -32.42 -8.78 -4.67
N ARG A 189 -33.03 -9.29 -3.59
CA ARG A 189 -33.87 -8.47 -2.73
C ARG A 189 -33.05 -7.32 -2.19
N GLU A 190 -31.83 -7.61 -1.71
CA GLU A 190 -30.99 -6.64 -1.05
C GLU A 190 -30.56 -5.53 -2.01
N PHE A 191 -30.19 -5.91 -3.25
CA PHE A 191 -29.69 -4.94 -4.22
C PHE A 191 -30.84 -4.35 -5.04
N GLY A 192 -32.08 -4.81 -4.79
CA GLY A 192 -33.24 -4.28 -5.47
C GLY A 192 -33.30 -4.68 -6.95
N LEU A 193 -33.02 -5.96 -7.22
CA LEU A 193 -33.09 -6.51 -8.56
C LEU A 193 -34.38 -7.31 -8.69
N GLU A 194 -35.20 -6.96 -9.70
CA GLU A 194 -36.44 -7.66 -10.00
C GLU A 194 -36.14 -8.76 -11.02
N GLU A 195 -37.17 -9.55 -11.34
CA GLU A 195 -37.03 -10.74 -12.18
C GLU A 195 -36.62 -10.38 -13.61
N ASP A 196 -36.89 -9.14 -14.04
CA ASP A 196 -36.60 -8.71 -15.40
C ASP A 196 -35.28 -7.94 -15.47
N ASP A 197 -34.59 -7.78 -14.32
CA ASP A 197 -33.30 -7.11 -14.32
C ASP A 197 -32.20 -8.14 -14.61
N LEU A 198 -31.15 -7.68 -15.29
CA LEU A 198 -30.00 -8.50 -15.64
C LEU A 198 -28.75 -7.93 -14.99
N LEU A 199 -28.12 -8.68 -14.08
CA LEU A 199 -26.92 -8.23 -13.42
C LEU A 199 -25.69 -8.88 -14.05
N LEU A 200 -24.78 -8.01 -14.55
CA LEU A 200 -23.44 -8.42 -14.92
C LEU A 200 -22.52 -8.25 -13.72
N VAL A 201 -21.59 -9.19 -13.50
CA VAL A 201 -20.54 -8.99 -12.53
C VAL A 201 -19.18 -9.07 -13.22
N GLN A 202 -18.29 -8.15 -12.81
CA GLN A 202 -16.90 -8.14 -13.18
C GLN A 202 -16.10 -8.25 -11.88
N ILE A 203 -15.39 -9.37 -11.69
CA ILE A 203 -14.81 -9.69 -10.40
C ILE A 203 -13.29 -9.84 -10.51
N GLY A 204 -12.57 -9.12 -9.65
CA GLY A 204 -11.13 -9.21 -9.54
C GLY A 204 -10.47 -7.83 -9.64
N SER A 205 -9.52 -7.58 -8.73
CA SER A 205 -8.71 -6.38 -8.78
C SER A 205 -7.85 -6.40 -10.05
N GLY A 206 -7.63 -5.22 -10.63
CA GLY A 206 -6.94 -5.08 -11.91
C GLY A 206 -7.94 -4.89 -13.04
N PHE A 207 -8.81 -3.89 -12.89
CA PHE A 207 -9.98 -3.73 -13.74
C PHE A 207 -9.56 -3.43 -15.18
N LYS A 208 -8.50 -2.63 -15.37
CA LYS A 208 -8.10 -2.24 -16.71
C LYS A 208 -7.62 -3.48 -17.49
N THR A 209 -6.72 -4.26 -16.89
CA THR A 209 -6.21 -5.47 -17.52
C THR A 209 -7.34 -6.46 -17.79
N LYS A 210 -8.32 -6.51 -16.88
CA LYS A 210 -9.40 -7.49 -16.95
C LYS A 210 -10.55 -7.00 -17.82
N GLY A 211 -10.41 -5.77 -18.35
CA GLY A 211 -11.25 -5.29 -19.44
C GLY A 211 -12.57 -4.67 -18.99
N LEU A 212 -12.62 -4.11 -17.77
CA LEU A 212 -13.83 -3.44 -17.30
C LEU A 212 -14.21 -2.31 -18.26
N ASP A 213 -13.22 -1.67 -18.90
CA ASP A 213 -13.47 -0.61 -19.86
C ASP A 213 -14.28 -1.15 -21.04
N ARG A 214 -13.97 -2.37 -21.50
CA ARG A 214 -14.67 -3.02 -22.58
C ARG A 214 -16.07 -3.45 -22.14
N SER A 215 -16.20 -3.90 -20.88
CA SER A 215 -17.46 -4.34 -20.31
C SER A 215 -18.46 -3.20 -20.28
N LEU A 216 -18.02 -2.05 -19.77
CA LEU A 216 -18.86 -0.87 -19.64
C LEU A 216 -19.32 -0.40 -21.03
N LYS A 217 -18.39 -0.39 -21.99
CA LYS A 217 -18.71 -0.05 -23.37
C LYS A 217 -19.79 -0.99 -23.92
N ALA A 218 -19.64 -2.30 -23.65
CA ALA A 218 -20.58 -3.29 -24.15
C ALA A 218 -21.97 -3.05 -23.55
N LEU A 219 -22.03 -2.77 -22.25
CA LEU A 219 -23.28 -2.47 -21.57
C LEU A 219 -23.95 -1.26 -22.24
N SER A 220 -23.18 -0.20 -22.45
CA SER A 220 -23.70 1.03 -23.04
C SER A 220 -24.22 0.80 -24.45
N ALA A 221 -23.65 -0.18 -25.17
CA ALA A 221 -23.97 -0.41 -26.57
C ALA A 221 -25.22 -1.30 -26.72
N LEU A 222 -25.74 -1.85 -25.62
CA LEU A 222 -26.86 -2.76 -25.68
C LEU A 222 -28.07 -2.07 -26.32
N PRO A 223 -28.92 -2.79 -27.08
CA PRO A 223 -30.17 -2.23 -27.56
C PRO A 223 -30.99 -1.69 -26.40
N LYS A 224 -31.78 -0.64 -26.67
CA LYS A 224 -32.48 0.15 -25.67
C LYS A 224 -33.20 -0.76 -24.67
N ALA A 225 -33.92 -1.78 -25.17
CA ALA A 225 -34.68 -2.68 -24.33
C ALA A 225 -33.78 -3.35 -23.29
N LEU A 226 -32.68 -3.95 -23.76
CA LEU A 226 -31.76 -4.66 -22.89
C LEU A 226 -30.99 -3.69 -22.00
N ARG A 227 -30.56 -2.56 -22.58
CA ARG A 227 -29.74 -1.58 -21.89
C ARG A 227 -30.40 -1.11 -20.60
N ARG A 228 -31.70 -0.80 -20.67
CA ARG A 228 -32.46 -0.27 -19.55
C ARG A 228 -32.57 -1.31 -18.43
N ARG A 229 -32.53 -2.61 -18.79
CA ARG A 229 -32.71 -3.69 -17.84
C ARG A 229 -31.40 -4.06 -17.14
N THR A 230 -30.25 -3.67 -17.71
CA THR A 230 -28.98 -4.27 -17.35
C THR A 230 -28.22 -3.41 -16.35
N ARG A 231 -27.63 -4.07 -15.34
CA ARG A 231 -26.78 -3.46 -14.33
C ARG A 231 -25.42 -4.16 -14.33
N LEU A 232 -24.39 -3.47 -13.81
CA LEU A 232 -23.09 -4.10 -13.63
C LEU A 232 -22.56 -3.77 -12.24
N ILE A 233 -22.01 -4.79 -11.56
CA ILE A 233 -21.25 -4.63 -10.34
C ILE A 233 -19.83 -5.12 -10.60
N ALA A 234 -18.85 -4.23 -10.33
CA ALA A 234 -17.45 -4.59 -10.36
C ALA A 234 -16.93 -4.64 -8.92
N ILE A 235 -16.05 -5.62 -8.64
CA ILE A 235 -15.57 -5.85 -7.29
C ILE A 235 -14.05 -6.01 -7.33
N GLY A 236 -13.35 -5.05 -6.71
CA GLY A 236 -11.90 -5.04 -6.66
C GLY A 236 -11.36 -3.88 -5.86
N GLN A 237 -10.06 -3.90 -5.57
CA GLN A 237 -9.42 -2.95 -4.68
C GLN A 237 -8.99 -1.68 -5.42
N ASP A 238 -9.12 -1.69 -6.76
CA ASP A 238 -8.69 -0.59 -7.61
C ASP A 238 -9.29 0.73 -7.17
N ASP A 239 -8.56 1.82 -7.49
CA ASP A 239 -9.13 3.15 -7.49
C ASP A 239 -10.23 3.19 -8.55
N PRO A 240 -11.50 3.47 -8.18
CA PRO A 240 -12.60 3.46 -9.15
C PRO A 240 -12.72 4.66 -10.08
N LYS A 241 -12.01 5.76 -9.77
CA LYS A 241 -12.28 7.06 -10.39
C LYS A 241 -12.21 6.97 -11.92
N PRO A 242 -11.19 6.32 -12.54
CA PRO A 242 -11.10 6.27 -14.00
C PRO A 242 -12.33 5.62 -14.62
N PHE A 243 -12.91 4.65 -13.90
CA PHE A 243 -14.08 3.91 -14.37
C PHE A 243 -15.35 4.72 -14.11
N LEU A 244 -15.40 5.44 -12.98
CA LEU A 244 -16.54 6.30 -12.68
C LEU A 244 -16.65 7.41 -13.72
N LEU A 245 -15.51 7.93 -14.17
CA LEU A 245 -15.49 8.95 -15.21
C LEU A 245 -16.07 8.39 -16.51
N GLN A 246 -15.69 7.15 -16.84
CA GLN A 246 -16.16 6.48 -18.04
C GLN A 246 -17.66 6.21 -17.92
N ILE A 247 -18.10 5.77 -16.74
CA ILE A 247 -19.50 5.49 -16.47
C ILE A 247 -20.34 6.75 -16.68
N ALA A 248 -19.89 7.89 -16.14
CA ALA A 248 -20.57 9.17 -16.34
C ALA A 248 -20.63 9.54 -17.82
N ALA A 249 -19.53 9.31 -18.54
CA ALA A 249 -19.44 9.64 -19.96
C ALA A 249 -20.44 8.82 -20.77
N LEU A 250 -20.64 7.55 -20.37
CA LEU A 250 -21.51 6.61 -21.06
C LEU A 250 -22.98 6.78 -20.62
N GLY A 251 -23.21 7.58 -19.58
CA GLY A 251 -24.55 7.82 -19.07
C GLY A 251 -25.09 6.62 -18.29
N LEU A 252 -24.22 5.96 -17.53
CA LEU A 252 -24.58 4.71 -16.84
C LEU A 252 -24.52 4.88 -15.32
N ASN A 253 -24.60 6.12 -14.82
CA ASN A 253 -24.48 6.39 -13.39
C ASN A 253 -25.51 5.56 -12.60
N ASP A 254 -26.71 5.37 -13.16
CA ASP A 254 -27.78 4.70 -12.44
C ASP A 254 -27.72 3.17 -12.59
N GLN A 255 -26.71 2.63 -13.28
CA GLN A 255 -26.73 1.23 -13.67
C GLN A 255 -25.44 0.49 -13.31
N VAL A 256 -24.48 1.16 -12.66
CA VAL A 256 -23.19 0.52 -12.36
C VAL A 256 -22.74 0.89 -10.96
N GLN A 257 -22.21 -0.10 -10.24
CA GLN A 257 -21.55 0.11 -8.96
C GLN A 257 -20.17 -0.54 -9.00
N ILE A 258 -19.18 0.16 -8.46
CA ILE A 258 -17.84 -0.39 -8.33
C ILE A 258 -17.52 -0.50 -6.84
N LEU A 259 -17.42 -1.75 -6.37
CA LEU A 259 -17.27 -2.05 -4.95
C LEU A 259 -15.82 -2.44 -4.67
N LYS A 260 -15.38 -2.15 -3.43
CA LYS A 260 -14.09 -2.60 -2.96
C LYS A 260 -14.12 -4.11 -2.73
N GLY A 261 -12.94 -4.71 -2.57
CA GLY A 261 -12.81 -6.15 -2.37
C GLY A 261 -13.62 -6.62 -1.18
N ARG A 262 -14.14 -7.86 -1.26
CA ARG A 262 -14.97 -8.41 -0.21
C ARG A 262 -14.95 -9.93 -0.28
N SER A 263 -15.31 -10.57 0.83
CA SER A 263 -15.15 -12.00 0.98
C SER A 263 -16.39 -12.78 0.55
N ASP A 264 -17.53 -12.09 0.37
CA ASP A 264 -18.80 -12.77 0.09
C ASP A 264 -19.04 -12.91 -1.41
N ILE A 265 -18.00 -13.29 -2.16
CA ILE A 265 -18.10 -13.41 -3.62
C ILE A 265 -19.18 -14.42 -4.00
N PRO A 266 -19.32 -15.59 -3.32
CA PRO A 266 -20.31 -16.59 -3.71
C PRO A 266 -21.74 -16.08 -3.92
N ARG A 267 -22.20 -15.15 -3.06
CA ARG A 267 -23.58 -14.69 -3.18
C ARG A 267 -23.75 -13.77 -4.39
N PHE A 268 -22.69 -13.08 -4.81
CA PHE A 268 -22.71 -12.29 -6.04
C PHE A 268 -22.78 -13.21 -7.25
N LEU A 269 -22.03 -14.33 -7.21
CA LEU A 269 -22.03 -15.31 -8.28
C LEU A 269 -23.41 -15.93 -8.45
N LEU A 270 -24.10 -16.16 -7.32
CA LEU A 270 -25.42 -16.77 -7.34
C LEU A 270 -26.50 -15.75 -7.67
N GLY A 271 -26.25 -14.47 -7.35
CA GLY A 271 -27.23 -13.41 -7.54
C GLY A 271 -27.21 -12.81 -8.94
N ALA A 272 -26.09 -13.00 -9.65
CA ALA A 272 -25.87 -12.38 -10.95
C ALA A 272 -26.48 -13.22 -12.06
N ASP A 273 -26.47 -12.67 -13.28
CA ASP A 273 -27.03 -13.32 -14.45
C ASP A 273 -25.93 -13.62 -15.47
N LEU A 274 -24.81 -12.88 -15.41
CA LEU A 274 -23.67 -13.15 -16.27
C LEU A 274 -22.40 -12.63 -15.60
N LEU A 275 -21.31 -13.42 -15.69
CA LEU A 275 -19.98 -12.92 -15.42
C LEU A 275 -19.35 -12.47 -16.72
N ILE A 276 -18.85 -11.23 -16.75
CA ILE A 276 -18.21 -10.68 -17.92
C ILE A 276 -16.75 -10.42 -17.60
N HIS A 277 -15.86 -10.87 -18.49
CA HIS A 277 -14.43 -10.86 -18.24
C HIS A 277 -13.69 -10.75 -19.57
N PRO A 278 -13.77 -9.60 -20.29
CA PRO A 278 -13.13 -9.44 -21.58
C PRO A 278 -11.69 -8.95 -21.44
N ALA A 279 -10.87 -9.75 -20.75
CA ALA A 279 -9.54 -9.35 -20.35
C ALA A 279 -8.64 -9.12 -21.57
N TYR A 280 -7.75 -8.14 -21.44
CA TYR A 280 -6.66 -7.94 -22.38
C TYR A 280 -5.69 -9.11 -22.27
N ASN A 281 -5.41 -9.53 -21.03
CA ASN A 281 -4.59 -10.70 -20.79
C ASN A 281 -4.94 -11.26 -19.41
N GLU A 282 -4.78 -12.58 -19.26
CA GLU A 282 -5.12 -13.27 -18.02
C GLU A 282 -4.45 -14.64 -18.06
N ASN A 283 -3.50 -14.86 -17.14
CA ASN A 283 -2.74 -16.10 -17.08
C ASN A 283 -3.70 -17.28 -17.03
N THR A 284 -4.64 -17.24 -16.07
CA THR A 284 -5.68 -18.27 -15.95
C THR A 284 -7.06 -17.60 -15.90
N GLY A 285 -7.43 -17.09 -14.71
CA GLY A 285 -8.72 -16.47 -14.50
C GLY A 285 -9.61 -17.34 -13.60
N THR A 286 -9.24 -17.37 -12.31
CA THR A 286 -9.95 -18.13 -11.29
C THR A 286 -11.45 -17.86 -11.34
N VAL A 287 -11.82 -16.57 -11.47
CA VAL A 287 -13.22 -16.17 -11.35
C VAL A 287 -14.06 -16.86 -12.42
N LEU A 288 -13.46 -17.18 -13.57
CA LEU A 288 -14.16 -17.84 -14.66
C LEU A 288 -14.72 -19.19 -14.19
N LEU A 289 -13.89 -19.97 -13.46
CA LEU A 289 -14.31 -21.27 -12.97
C LEU A 289 -15.22 -21.13 -11.75
N GLU A 290 -15.02 -20.06 -10.96
CA GLU A 290 -15.89 -19.80 -9.83
C GLU A 290 -17.30 -19.56 -10.32
N ALA A 291 -17.45 -18.79 -11.40
CA ALA A 291 -18.73 -18.60 -12.04
C ALA A 291 -19.30 -19.95 -12.50
N LEU A 292 -18.46 -20.74 -13.17
CA LEU A 292 -18.88 -22.04 -13.70
C LEU A 292 -19.47 -22.91 -12.60
N VAL A 293 -18.77 -23.03 -11.46
CA VAL A 293 -19.22 -23.94 -10.41
C VAL A 293 -20.41 -23.36 -9.65
N SER A 294 -20.72 -22.08 -9.86
CA SER A 294 -21.90 -21.41 -9.30
C SER A 294 -23.09 -21.47 -10.25
N GLY A 295 -22.89 -22.00 -11.47
CA GLY A 295 -23.92 -22.00 -12.48
C GLY A 295 -24.19 -20.61 -13.06
N LEU A 296 -23.18 -19.74 -13.03
CA LEU A 296 -23.29 -18.40 -13.59
C LEU A 296 -22.65 -18.39 -14.97
N PRO A 297 -23.43 -18.15 -16.06
CA PRO A 297 -22.87 -18.09 -17.42
C PRO A 297 -21.77 -17.04 -17.54
N VAL A 298 -20.79 -17.32 -18.41
CA VAL A 298 -19.57 -16.54 -18.54
C VAL A 298 -19.42 -16.05 -19.97
N LEU A 299 -19.06 -14.76 -20.11
CA LEU A 299 -18.59 -14.17 -21.35
C LEU A 299 -17.13 -13.76 -21.15
N VAL A 300 -16.22 -14.39 -21.92
CA VAL A 300 -14.79 -14.23 -21.69
C VAL A 300 -14.05 -14.17 -23.03
N THR A 301 -12.92 -13.46 -23.04
CA THR A 301 -12.01 -13.43 -24.18
C THR A 301 -11.17 -14.70 -24.21
N ASP A 302 -10.78 -15.12 -25.43
CA ASP A 302 -10.07 -16.38 -25.62
C ASP A 302 -8.64 -16.31 -25.08
N VAL A 303 -8.13 -15.11 -24.80
CA VAL A 303 -6.76 -14.93 -24.33
C VAL A 303 -6.58 -15.47 -22.91
N CYS A 304 -7.67 -15.60 -22.15
CA CYS A 304 -7.59 -16.06 -20.78
C CYS A 304 -7.26 -17.56 -20.75
N GLY A 305 -6.33 -17.94 -19.87
CA GLY A 305 -5.85 -19.32 -19.80
C GLY A 305 -6.95 -20.34 -19.45
N TYR A 306 -7.99 -19.90 -18.72
CA TYR A 306 -9.06 -20.80 -18.31
C TYR A 306 -10.30 -20.66 -19.20
N ALA A 307 -10.22 -19.86 -20.27
CA ALA A 307 -11.35 -19.66 -21.15
C ALA A 307 -11.81 -20.97 -21.78
N HIS A 308 -10.85 -21.87 -22.06
CA HIS A 308 -11.14 -23.14 -22.72
C HIS A 308 -12.10 -24.00 -21.90
N TYR A 309 -12.09 -23.84 -20.57
CA TYR A 309 -13.02 -24.54 -19.69
C TYR A 309 -14.47 -24.15 -19.98
N ILE A 310 -14.70 -22.87 -20.30
CA ILE A 310 -16.03 -22.36 -20.55
C ILE A 310 -16.58 -23.03 -21.82
N ALA A 311 -15.73 -23.10 -22.85
CA ALA A 311 -16.08 -23.73 -24.11
C ALA A 311 -16.32 -25.24 -23.92
N GLU A 312 -15.40 -25.91 -23.21
N GLU A 312 -15.41 -25.90 -23.21
CA GLU A 312 -15.47 -27.34 -23.00
CA GLU A 312 -15.46 -27.34 -22.99
C GLU A 312 -16.73 -27.71 -22.20
C GLU A 312 -16.72 -27.71 -22.20
N ALA A 313 -17.02 -26.93 -21.15
CA ALA A 313 -18.18 -27.15 -20.32
C ALA A 313 -19.47 -26.72 -21.03
N ASP A 314 -19.33 -25.86 -22.05
CA ASP A 314 -20.45 -25.19 -22.70
C ASP A 314 -21.24 -24.42 -21.64
N ALA A 315 -20.52 -23.56 -20.90
CA ALA A 315 -21.07 -22.85 -19.76
C ALA A 315 -20.99 -21.35 -19.98
N GLY A 316 -21.10 -20.93 -21.26
CA GLY A 316 -20.95 -19.54 -21.64
C GLY A 316 -20.44 -19.42 -23.07
N ARG A 317 -19.85 -18.26 -23.39
CA ARG A 317 -19.29 -18.01 -24.71
C ARG A 317 -17.90 -17.41 -24.58
N VAL A 318 -17.02 -17.79 -25.50
CA VAL A 318 -15.66 -17.29 -25.57
C VAL A 318 -15.53 -16.45 -26.83
N LEU A 319 -15.14 -15.17 -26.65
CA LEU A 319 -14.98 -14.27 -27.77
C LEU A 319 -13.61 -14.47 -28.40
N PRO A 320 -13.52 -14.85 -29.70
CA PRO A 320 -12.23 -15.13 -30.34
C PRO A 320 -11.42 -13.86 -30.62
N SER A 321 -10.09 -14.01 -30.63
CA SER A 321 -9.18 -12.93 -30.98
C SER A 321 -9.18 -12.74 -32.50
N PRO A 322 -8.80 -11.55 -33.03
CA PRO A 322 -8.42 -10.39 -32.23
C PRO A 322 -9.65 -9.66 -31.66
N PHE A 323 -9.43 -8.90 -30.59
CA PHE A 323 -10.53 -8.24 -29.92
C PHE A 323 -11.11 -7.16 -30.82
N GLU A 324 -12.44 -7.19 -30.99
CA GLU A 324 -13.19 -6.10 -31.60
C GLU A 324 -14.38 -5.81 -30.70
N GLN A 325 -14.50 -4.53 -30.28
CA GLN A 325 -15.54 -4.11 -29.36
C GLN A 325 -16.92 -4.47 -29.91
N ASP A 326 -17.11 -4.29 -31.23
CA ASP A 326 -18.40 -4.55 -31.85
C ASP A 326 -18.82 -6.00 -31.64
N SER A 327 -17.85 -6.92 -31.66
CA SER A 327 -18.13 -8.34 -31.48
C SER A 327 -18.50 -8.65 -30.03
N LEU A 328 -17.88 -7.93 -29.08
CA LEU A 328 -18.23 -8.09 -27.67
C LEU A 328 -19.65 -7.57 -27.46
N ASN A 329 -19.95 -6.41 -28.03
CA ASN A 329 -21.27 -5.79 -27.94
C ASN A 329 -22.32 -6.78 -28.41
N ARG A 330 -22.07 -7.40 -29.57
CA ARG A 330 -23.00 -8.31 -30.21
C ARG A 330 -23.20 -9.55 -29.33
N LEU A 331 -22.09 -10.11 -28.84
CA LEU A 331 -22.13 -11.34 -28.07
C LEU A 331 -22.88 -11.12 -26.76
N LEU A 332 -22.65 -9.97 -26.10
CA LEU A 332 -23.33 -9.67 -24.85
C LEU A 332 -24.84 -9.58 -25.09
N ALA A 333 -25.23 -8.88 -26.17
CA ALA A 333 -26.63 -8.71 -26.51
C ALA A 333 -27.27 -10.08 -26.77
N GLU A 334 -26.58 -10.92 -27.55
CA GLU A 334 -27.06 -12.25 -27.91
C GLU A 334 -27.26 -13.13 -26.68
N MET A 335 -26.35 -13.00 -25.70
CA MET A 335 -26.40 -13.83 -24.51
C MET A 335 -27.52 -13.36 -23.59
N LEU A 336 -27.68 -12.04 -23.44
CA LEU A 336 -28.67 -11.48 -22.53
C LEU A 336 -30.09 -11.69 -23.06
N GLU A 337 -30.28 -11.67 -24.38
CA GLU A 337 -31.60 -11.78 -24.97
C GLU A 337 -32.12 -13.21 -24.88
N ASP A 338 -31.21 -14.18 -24.76
CA ASP A 338 -31.56 -15.59 -24.88
C ASP A 338 -31.57 -16.23 -23.48
N ALA A 339 -32.72 -16.13 -22.81
CA ALA A 339 -32.91 -16.66 -21.47
C ALA A 339 -32.81 -18.20 -21.47
N PRO A 340 -33.40 -18.93 -22.44
CA PRO A 340 -33.18 -20.37 -22.54
C PRO A 340 -31.72 -20.80 -22.63
N ALA A 341 -30.92 -20.09 -23.45
CA ALA A 341 -29.51 -20.39 -23.60
C ALA A 341 -28.78 -20.23 -22.27
N ARG A 342 -29.10 -19.15 -21.53
CA ARG A 342 -28.45 -18.89 -20.25
C ARG A 342 -28.83 -19.95 -19.23
N ALA A 343 -30.09 -20.42 -19.27
CA ALA A 343 -30.53 -21.51 -18.42
C ALA A 343 -29.70 -22.76 -18.72
N ALA A 344 -29.47 -23.03 -20.02
CA ALA A 344 -28.70 -24.18 -20.45
C ALA A 344 -27.25 -24.05 -20.00
N TRP A 345 -26.65 -22.87 -20.18
CA TRP A 345 -25.27 -22.63 -19.80
C TRP A 345 -25.08 -22.85 -18.30
N SER A 346 -26.08 -22.46 -17.49
N SER A 346 -26.07 -22.45 -17.49
CA SER A 346 -26.06 -22.63 -16.05
CA SER A 346 -26.06 -22.63 -16.05
C SER A 346 -26.05 -24.11 -15.67
C SER A 346 -26.04 -24.12 -15.69
N ARG A 347 -26.98 -24.88 -16.27
CA ARG A 347 -27.08 -26.31 -16.01
C ARG A 347 -25.80 -27.02 -16.43
N ASN A 348 -25.24 -26.63 -17.57
CA ASN A 348 -24.03 -27.23 -18.12
C ASN A 348 -22.83 -26.98 -17.19
N GLY A 349 -22.75 -25.78 -16.60
CA GLY A 349 -21.69 -25.47 -15.68
C GLY A 349 -21.73 -26.33 -14.42
N LEU A 350 -22.93 -26.43 -13.82
CA LEU A 350 -23.16 -27.22 -12.62
C LEU A 350 -22.84 -28.69 -12.87
N ALA A 351 -23.23 -29.20 -14.06
CA ALA A 351 -22.99 -30.59 -14.41
C ALA A 351 -21.48 -30.84 -14.52
N TYR A 352 -20.79 -29.97 -15.29
CA TYR A 352 -19.36 -30.06 -15.49
C TYR A 352 -18.62 -30.02 -14.14
N ALA A 353 -19.10 -29.14 -13.25
CA ALA A 353 -18.46 -28.93 -11.96
C ALA A 353 -18.53 -30.18 -11.09
N ASP A 354 -19.48 -31.06 -11.41
CA ASP A 354 -19.75 -32.26 -10.62
C ASP A 354 -18.84 -33.42 -11.03
N HIS A 355 -18.17 -33.31 -12.20
N HIS A 355 -18.23 -33.30 -12.23
CA HIS A 355 -17.30 -34.38 -12.67
CA HIS A 355 -17.35 -34.32 -12.78
C HIS A 355 -15.86 -33.90 -12.87
C HIS A 355 -15.89 -33.86 -12.76
N ALA A 356 -15.65 -32.62 -13.21
CA ALA A 356 -14.33 -32.12 -13.52
C ALA A 356 -13.47 -31.96 -12.25
N ASP A 357 -12.15 -32.09 -12.44
CA ASP A 357 -11.15 -31.94 -11.38
C ASP A 357 -10.74 -30.47 -11.29
N LEU A 358 -11.49 -29.68 -10.51
CA LEU A 358 -11.31 -28.24 -10.47
C LEU A 358 -10.83 -27.79 -9.09
N TYR A 359 -10.57 -28.74 -8.17
CA TYR A 359 -10.52 -28.43 -6.75
C TYR A 359 -9.22 -28.88 -6.07
N SER A 360 -8.47 -29.80 -6.69
CA SER A 360 -7.48 -30.60 -5.97
C SER A 360 -6.08 -30.00 -6.03
N MET A 361 -5.92 -28.79 -6.57
CA MET A 361 -4.61 -28.21 -6.83
C MET A 361 -3.70 -28.32 -5.60
N PRO A 362 -4.12 -27.91 -4.38
CA PRO A 362 -3.18 -27.85 -3.25
C PRO A 362 -2.61 -29.21 -2.82
N GLN A 363 -3.41 -30.27 -2.94
CA GLN A 363 -2.97 -31.63 -2.63
C GLN A 363 -1.97 -32.11 -3.69
N ARG A 364 -2.27 -31.83 -4.96
CA ARG A 364 -1.37 -32.14 -6.05
C ARG A 364 -0.05 -31.38 -5.89
N ALA A 365 -0.15 -30.09 -5.54
CA ALA A 365 1.03 -29.24 -5.41
C ALA A 365 1.92 -29.73 -4.27
N ALA A 366 1.31 -30.01 -3.12
CA ALA A 366 2.02 -30.51 -1.94
C ALA A 366 2.72 -31.83 -2.26
N ASP A 367 2.03 -32.70 -3.02
CA ASP A 367 2.61 -33.99 -3.43
C ASP A 367 3.91 -33.76 -4.20
N LEU A 368 3.89 -32.83 -5.17
CA LEU A 368 5.06 -32.54 -5.99
C LEU A 368 6.14 -31.85 -5.16
N ILE A 369 5.73 -30.93 -4.27
CA ILE A 369 6.69 -30.18 -3.47
C ILE A 369 7.41 -31.11 -2.51
N LEU A 370 6.67 -32.06 -1.92
CA LEU A 370 7.18 -32.90 -0.84
C LEU A 370 7.68 -34.24 -1.38
N GLY A 371 7.39 -34.54 -2.65
CA GLY A 371 7.81 -35.79 -3.27
C GLY A 371 7.11 -36.99 -2.64
N ALA B 1 21.79 -1.67 31.01
CA ALA B 1 21.03 -0.86 31.98
C ALA B 1 20.63 0.48 31.36
N THR B 2 21.60 1.40 31.23
CA THR B 2 21.31 2.79 30.94
C THR B 2 21.54 3.08 29.45
N LEU B 3 20.53 3.71 28.85
CA LEU B 3 20.59 4.23 27.49
C LEU B 3 20.64 5.76 27.56
N ALA B 4 21.55 6.36 26.78
CA ALA B 4 21.62 7.80 26.64
C ALA B 4 21.02 8.22 25.30
N PHE B 5 19.96 9.04 25.34
CA PHE B 5 19.37 9.61 24.14
C PHE B 5 19.78 11.07 24.05
N ILE B 6 20.15 11.52 22.84
CA ILE B 6 20.64 12.87 22.62
C ILE B 6 19.82 13.51 21.51
N LEU B 7 19.21 14.66 21.82
CA LEU B 7 18.61 15.53 20.82
C LEU B 7 18.73 16.97 21.30
N TYR B 8 18.89 17.90 20.35
CA TYR B 8 19.18 19.30 20.66
C TYR B 8 18.00 19.94 21.39
N LYS B 9 16.77 19.62 20.97
CA LYS B 9 15.59 20.22 21.57
C LYS B 9 14.48 19.18 21.70
N TYR B 10 13.88 19.07 22.89
CA TYR B 10 12.65 18.35 23.05
C TYR B 10 11.49 19.32 23.29
N PHE B 11 10.40 19.05 22.57
CA PHE B 11 9.11 19.71 22.71
C PHE B 11 8.09 18.77 22.06
N PRO B 12 6.80 18.78 22.49
CA PRO B 12 5.85 17.77 22.04
C PRO B 12 5.38 17.82 20.59
N PHE B 13 5.50 18.98 19.92
CA PHE B 13 4.81 19.21 18.66
C PHE B 13 5.75 19.13 17.47
N GLY B 14 6.62 18.12 17.47
CA GLY B 14 7.52 17.85 16.36
C GLY B 14 7.67 16.35 16.15
N GLY B 15 7.88 15.95 14.89
CA GLY B 15 8.00 14.54 14.51
C GLY B 15 9.25 13.89 15.10
N LEU B 16 10.39 14.57 15.01
CA LEU B 16 11.65 14.09 15.55
C LEU B 16 11.49 13.83 17.04
N GLN B 17 10.86 14.80 17.73
CA GLN B 17 10.69 14.78 19.17
C GLN B 17 9.75 13.65 19.57
N ARG B 18 8.64 13.49 18.84
CA ARG B 18 7.67 12.43 19.14
C ARG B 18 8.27 11.06 18.88
N ASP B 19 9.11 10.94 17.83
CA ASP B 19 9.74 9.68 17.49
C ASP B 19 10.73 9.27 18.57
N PHE B 20 11.57 10.22 19.01
CA PHE B 20 12.46 10.00 20.14
C PHE B 20 11.69 9.51 21.36
N MET B 21 10.58 10.19 21.68
CA MET B 21 9.84 9.90 22.90
C MET B 21 9.32 8.47 22.84
N ARG B 22 8.77 8.07 21.70
CA ARG B 22 8.15 6.76 21.56
C ARG B 22 9.23 5.67 21.60
N ILE B 23 10.44 5.94 21.09
CA ILE B 23 11.52 4.97 21.13
C ILE B 23 12.00 4.82 22.58
N ALA B 24 12.16 5.95 23.29
CA ALA B 24 12.63 5.94 24.66
C ALA B 24 11.64 5.22 25.58
N LEU B 25 10.34 5.46 25.36
CA LEU B 25 9.29 4.83 26.15
C LEU B 25 9.27 3.32 25.90
N GLU B 26 9.51 2.91 24.65
CA GLU B 26 9.57 1.49 24.31
C GLU B 26 10.73 0.83 25.05
N CYS B 27 11.90 1.48 25.02
CA CYS B 27 13.10 0.96 25.68
C CYS B 27 12.86 0.83 27.18
N GLN B 28 12.16 1.81 27.76
CA GLN B 28 11.88 1.83 29.19
C GLN B 28 10.93 0.68 29.56
N ARG B 29 10.00 0.35 28.67
CA ARG B 29 9.05 -0.72 28.89
C ARG B 29 9.75 -2.09 28.85
N ARG B 30 10.96 -2.14 28.30
CA ARG B 30 11.75 -3.37 28.27
C ARG B 30 12.68 -3.45 29.46
N GLY B 31 12.69 -2.41 30.31
CA GLY B 31 13.40 -2.44 31.58
C GLY B 31 14.74 -1.71 31.55
N HIS B 32 14.90 -0.73 30.64
CA HIS B 32 16.15 0.01 30.52
C HIS B 32 15.99 1.38 31.16
N ASP B 33 17.08 1.86 31.78
N ASP B 33 17.09 1.87 31.76
CA ASP B 33 17.11 3.19 32.37
CA ASP B 33 17.15 3.18 32.37
C ASP B 33 17.29 4.22 31.25
C ASP B 33 17.31 4.22 31.25
N ILE B 34 16.53 5.32 31.34
CA ILE B 34 16.49 6.34 30.29
C ILE B 34 17.19 7.61 30.78
N ARG B 35 18.31 7.95 30.16
CA ARG B 35 18.94 9.26 30.33
C ARG B 35 18.81 10.03 29.02
N VAL B 36 18.55 11.34 29.12
CA VAL B 36 18.40 12.20 27.95
C VAL B 36 19.30 13.42 28.11
N TYR B 37 20.04 13.75 27.05
CA TYR B 37 20.83 14.97 26.97
C TYR B 37 20.19 15.90 25.94
N THR B 38 19.98 17.17 26.32
CA THR B 38 19.33 18.13 25.44
C THR B 38 19.69 19.55 25.85
N LEU B 39 19.43 20.51 24.95
CA LEU B 39 19.63 21.93 25.23
C LEU B 39 18.37 22.54 25.84
N ILE B 40 17.20 21.96 25.54
CA ILE B 40 15.94 22.44 26.09
C ILE B 40 14.92 21.31 26.10
N TRP B 41 14.10 21.30 27.16
CA TRP B 41 13.01 20.36 27.31
C TRP B 41 11.74 21.13 27.71
N GLU B 42 10.77 21.17 26.78
CA GLU B 42 9.47 21.76 27.03
C GLU B 42 8.43 20.66 27.28
N GLY B 43 7.57 20.88 28.29
CA GLY B 43 6.50 19.94 28.59
C GLY B 43 6.91 18.94 29.67
N ASP B 44 6.06 17.92 29.87
CA ASP B 44 6.21 16.97 30.95
C ASP B 44 7.40 16.06 30.70
N VAL B 45 8.11 15.73 31.79
CA VAL B 45 9.16 14.72 31.78
C VAL B 45 8.53 13.42 32.26
N PRO B 46 8.48 12.35 31.41
CA PRO B 46 7.97 11.06 31.86
C PRO B 46 8.66 10.54 33.12
N ASP B 47 7.89 9.82 33.95
CA ASP B 47 8.45 9.16 35.13
C ASP B 47 9.61 8.29 34.71
N GLY B 48 10.71 8.38 35.48
CA GLY B 48 11.87 7.51 35.31
C GLY B 48 12.91 8.09 34.36
N PHE B 49 12.56 9.13 33.58
CA PHE B 49 13.50 9.77 32.67
C PHE B 49 14.44 10.68 33.43
N GLU B 50 15.75 10.51 33.21
CA GLU B 50 16.76 11.42 33.71
C GLU B 50 17.13 12.39 32.59
N VAL B 51 16.51 13.57 32.61
CA VAL B 51 16.73 14.59 31.59
C VAL B 51 17.80 15.56 32.08
N LEU B 52 18.90 15.68 31.32
CA LEU B 52 19.97 16.63 31.61
C LEU B 52 19.95 17.73 30.56
N VAL B 53 19.67 18.96 31.00
CA VAL B 53 19.72 20.13 30.15
C VAL B 53 21.13 20.75 30.27
N ALA B 54 21.83 20.85 29.14
CA ALA B 54 23.22 21.27 29.13
C ALA B 54 23.31 22.77 29.36
N PRO B 55 24.08 23.24 30.38
CA PRO B 55 24.26 24.67 30.63
C PRO B 55 25.36 25.25 29.77
N VAL B 56 25.12 25.25 28.45
CA VAL B 56 26.02 25.86 27.48
C VAL B 56 25.18 26.76 26.58
N ARG B 57 25.80 27.81 26.03
CA ARG B 57 25.11 28.64 25.07
C ARG B 57 26.10 29.37 24.18
N SER B 58 25.58 29.79 23.02
CA SER B 58 26.30 30.63 22.09
C SER B 58 25.30 31.29 21.16
N ILE B 59 25.58 32.55 20.79
CA ILE B 59 24.79 33.25 19.80
C ILE B 59 24.95 32.58 18.43
N PHE B 60 25.97 31.72 18.29
CA PHE B 60 26.15 30.92 17.08
C PHE B 60 25.70 29.47 17.35
N ASN B 61 24.71 29.01 16.59
CA ASN B 61 24.15 27.67 16.76
C ASN B 61 25.23 26.60 16.67
N HIS B 62 26.12 26.71 15.68
CA HIS B 62 27.15 25.71 15.46
C HIS B 62 28.12 25.66 16.64
N ARG B 63 28.44 26.83 17.20
CA ARG B 63 29.33 26.92 18.35
C ARG B 63 28.63 26.36 19.59
N ARG B 64 27.33 26.65 19.71
CA ARG B 64 26.51 26.12 20.78
C ARG B 64 26.54 24.59 20.73
N ASN B 65 26.40 24.04 19.52
CA ASN B 65 26.33 22.60 19.31
C ASN B 65 27.66 21.93 19.67
N GLU B 66 28.78 22.61 19.39
CA GLU B 66 30.10 22.11 19.73
C GLU B 66 30.26 22.03 21.25
N LYS B 67 29.81 23.08 21.95
CA LYS B 67 29.88 23.11 23.41
C LYS B 67 29.02 21.98 23.98
N PHE B 68 27.87 21.73 23.35
CA PHE B 68 26.94 20.70 23.79
C PHE B 68 27.60 19.32 23.74
N THR B 69 28.22 18.97 22.60
N THR B 69 28.22 19.00 22.59
CA THR B 69 28.87 17.68 22.45
CA THR B 69 28.91 17.74 22.38
C THR B 69 30.01 17.52 23.45
C THR B 69 29.99 17.54 23.43
N ALA B 70 30.74 18.60 23.72
CA ALA B 70 31.83 18.58 24.70
C ALA B 70 31.27 18.28 26.09
N TRP B 71 30.13 18.89 26.41
CA TRP B 71 29.51 18.76 27.72
C TRP B 71 29.02 17.33 27.92
N VAL B 72 28.31 16.80 26.92
CA VAL B 72 27.77 15.44 26.96
C VAL B 72 28.92 14.44 27.07
N ARG B 73 29.94 14.63 26.23
CA ARG B 73 31.12 13.78 26.20
C ARG B 73 31.74 13.68 27.60
N ALA B 74 31.90 14.84 28.27
CA ALA B 74 32.50 14.91 29.59
C ALA B 74 31.64 14.17 30.60
N ASP B 75 30.31 14.32 30.51
CA ASP B 75 29.41 13.68 31.46
C ASP B 75 29.44 12.17 31.27
N LEU B 76 29.47 11.73 30.00
CA LEU B 76 29.48 10.30 29.67
C LEU B 76 30.79 9.66 30.13
N ASP B 77 31.90 10.40 30.02
N ASP B 77 31.91 10.41 30.03
CA ASP B 77 33.20 9.92 30.49
CA ASP B 77 33.20 9.93 30.49
C ASP B 77 33.12 9.58 31.98
C ASP B 77 33.13 9.58 31.98
N ARG B 78 32.51 10.48 32.76
CA ARG B 78 32.37 10.31 34.19
C ARG B 78 31.25 9.32 34.55
N ARG B 79 30.17 9.30 33.76
CA ARG B 79 28.99 8.51 34.06
C ARG B 79 28.64 7.62 32.86
N PRO B 80 29.38 6.52 32.62
CA PRO B 80 29.21 5.71 31.41
C PRO B 80 27.85 5.03 31.29
N VAL B 81 27.45 4.79 30.04
CA VAL B 81 26.18 4.16 29.70
C VAL B 81 26.47 3.04 28.70
N GLN B 82 25.45 2.22 28.42
CA GLN B 82 25.61 1.02 27.63
C GLN B 82 25.52 1.35 26.14
N ARG B 83 24.74 2.38 25.78
CA ARG B 83 24.58 2.74 24.39
C ARG B 83 24.11 4.18 24.28
N VAL B 84 24.56 4.86 23.22
CA VAL B 84 24.27 6.26 22.98
C VAL B 84 23.49 6.39 21.67
N ILE B 85 22.28 6.94 21.75
CA ILE B 85 21.38 7.07 20.61
C ILE B 85 21.10 8.55 20.36
N GLY B 86 21.46 9.02 19.15
CA GLY B 86 21.31 10.42 18.79
C GLY B 86 20.23 10.64 17.74
N PHE B 87 19.50 11.75 17.88
CA PHE B 87 18.46 12.14 16.92
C PHE B 87 18.89 13.39 16.14
N ASN B 88 20.11 13.87 16.42
CA ASN B 88 20.78 14.86 15.60
C ASN B 88 22.19 14.36 15.29
N LYS B 89 22.70 14.72 14.11
CA LYS B 89 24.00 14.25 13.66
C LYS B 89 25.09 14.91 14.49
N MET B 90 25.96 14.07 15.08
CA MET B 90 27.07 14.53 15.89
C MET B 90 28.05 13.38 16.09
N PRO B 91 29.28 13.64 16.63
CA PRO B 91 30.21 12.57 17.00
C PRO B 91 29.74 11.74 18.20
N GLY B 92 30.24 10.51 18.28
CA GLY B 92 30.13 9.68 19.47
C GLY B 92 28.81 8.91 19.60
N LEU B 93 28.05 8.80 18.50
CA LEU B 93 26.79 8.07 18.53
C LEU B 93 27.04 6.60 18.20
N ASP B 94 26.45 5.71 19.00
CA ASP B 94 26.37 4.30 18.65
C ASP B 94 25.28 4.09 17.60
N VAL B 95 24.15 4.79 17.77
CA VAL B 95 23.04 4.72 16.86
C VAL B 95 22.59 6.14 16.50
N TYR B 96 22.31 6.37 15.21
CA TYR B 96 21.74 7.63 14.75
C TYR B 96 20.38 7.39 14.09
N TYR B 97 19.36 8.11 14.57
CA TYR B 97 18.03 8.09 13.99
C TYR B 97 17.92 9.22 12.96
N ALA B 98 17.81 8.84 11.67
CA ALA B 98 17.93 9.78 10.58
C ALA B 98 16.61 10.49 10.34
N ALA B 99 16.28 11.41 11.25
CA ALA B 99 15.11 12.25 11.11
C ALA B 99 15.30 13.21 9.93
N ASP B 100 16.51 13.74 9.75
CA ASP B 100 16.78 14.78 8.76
C ASP B 100 17.19 14.17 7.43
N ALA B 101 17.10 14.99 6.37
CA ALA B 101 17.64 14.66 5.06
C ALA B 101 19.16 14.83 5.07
N CYS B 102 19.80 14.40 3.97
CA CYS B 102 21.24 14.53 3.79
C CYS B 102 21.61 16.00 3.62
N PHE B 103 22.49 16.49 4.52
CA PHE B 103 22.89 17.89 4.54
C PHE B 103 23.76 18.23 3.33
N GLU B 104 24.74 17.37 3.02
CA GLU B 104 25.70 17.62 1.95
C GLU B 104 24.98 17.77 0.61
N GLU B 105 23.96 16.93 0.38
CA GLU B 105 23.18 17.00 -0.85
C GLU B 105 22.44 18.34 -0.93
N LYS B 106 21.82 18.76 0.17
CA LYS B 106 21.06 20.00 0.21
C LYS B 106 21.98 21.21 0.05
N ALA B 107 23.23 21.06 0.53
CA ALA B 107 24.22 22.13 0.44
C ALA B 107 24.52 22.46 -1.02
N GLN B 108 24.55 21.42 -1.87
CA GLN B 108 24.89 21.57 -3.28
C GLN B 108 23.61 21.85 -4.07
N THR B 109 23.01 23.02 -3.82
CA THR B 109 21.80 23.45 -4.49
C THR B 109 21.68 24.98 -4.42
N TRP B 118 34.37 28.68 5.77
CA TRP B 118 32.89 28.62 5.94
C TRP B 118 32.59 27.86 7.23
N GLY B 119 32.29 28.61 8.30
CA GLY B 119 32.22 28.05 9.65
C GLY B 119 31.00 27.14 9.84
N ARG B 120 29.82 27.66 9.51
CA ARG B 120 28.56 26.95 9.71
C ARG B 120 28.52 25.69 8.86
N TYR B 121 28.88 25.82 7.58
CA TYR B 121 28.84 24.70 6.65
C TYR B 121 29.77 23.58 7.12
N ARG B 122 30.99 23.95 7.54
CA ARG B 122 31.99 22.97 7.93
C ARG B 122 31.58 22.26 9.23
N HIS B 123 30.80 22.95 10.08
CA HIS B 123 30.30 22.34 11.30
C HIS B 123 29.30 21.22 10.97
N PHE B 124 28.27 21.56 10.19
CA PHE B 124 27.18 20.63 9.92
C PHE B 124 27.67 19.50 9.01
N ALA B 125 28.59 19.83 8.08
CA ALA B 125 29.18 18.83 7.20
C ALA B 125 30.01 17.83 8.02
N GLY B 126 30.85 18.36 8.92
CA GLY B 126 31.70 17.54 9.77
C GLY B 126 30.90 16.62 10.69
N TYR B 127 29.81 17.15 11.26
CA TYR B 127 28.97 16.39 12.17
C TYR B 127 28.21 15.30 11.42
N GLU B 128 27.81 15.59 10.18
CA GLU B 128 27.20 14.59 9.31
C GLU B 128 28.22 13.50 8.98
N ARG B 129 29.45 13.90 8.64
CA ARG B 129 30.50 12.96 8.30
C ARG B 129 30.86 12.11 9.52
N ALA B 130 30.80 12.70 10.73
CA ALA B 130 31.11 11.96 11.95
C ALA B 130 30.21 10.72 12.07
N VAL B 131 28.97 10.82 11.57
CA VAL B 131 28.04 9.70 11.56
C VAL B 131 28.31 8.77 10.36
N PHE B 132 28.43 9.35 9.17
CA PHE B 132 28.26 8.59 7.93
C PHE B 132 29.59 8.15 7.31
N ASP B 133 30.72 8.68 7.81
CA ASP B 133 32.03 8.28 7.28
C ASP B 133 32.19 6.77 7.42
N PRO B 134 32.80 6.08 6.42
CA PRO B 134 33.06 4.65 6.52
C PRO B 134 33.84 4.20 7.76
N ALA B 135 34.61 5.13 8.34
CA ALA B 135 35.38 4.84 9.55
C ALA B 135 34.54 5.01 10.82
N SER B 136 33.32 5.54 10.69
CA SER B 136 32.42 5.67 11.84
C SER B 136 31.76 4.32 12.13
N LYS B 137 31.50 4.04 13.41
CA LYS B 137 30.84 2.80 13.80
C LYS B 137 29.34 3.01 14.00
N THR B 138 28.84 4.24 13.78
CA THR B 138 27.45 4.55 14.07
C THR B 138 26.53 3.73 13.16
N GLU B 139 25.53 3.06 13.77
CA GLU B 139 24.46 2.41 13.04
C GLU B 139 23.37 3.44 12.73
N ILE B 140 22.82 3.38 11.50
CA ILE B 140 21.87 4.37 11.05
C ILE B 140 20.48 3.74 10.91
N LEU B 141 19.52 4.31 11.64
CA LEU B 141 18.10 3.99 11.48
C LEU B 141 17.50 4.95 10.46
N MET B 142 17.04 4.40 9.33
CA MET B 142 16.47 5.20 8.24
C MET B 142 14.95 5.11 8.30
N ILE B 143 14.28 6.23 7.99
CA ILE B 143 12.83 6.24 7.85
C ILE B 143 12.46 6.63 6.42
N SER B 144 13.46 6.97 5.59
CA SER B 144 13.25 7.35 4.20
C SER B 144 14.21 6.55 3.32
N GLU B 145 13.66 5.79 2.35
CA GLU B 145 14.48 5.05 1.40
C GLU B 145 15.12 6.00 0.38
N VAL B 146 14.55 7.21 0.24
CA VAL B 146 15.02 8.17 -0.73
C VAL B 146 16.41 8.69 -0.34
N GLN B 147 16.66 8.87 0.96
CA GLN B 147 17.84 9.58 1.41
C GLN B 147 19.04 8.64 1.56
N GLN B 148 18.82 7.33 1.68
CA GLN B 148 19.92 6.39 1.88
C GLN B 148 20.92 6.49 0.73
N PRO B 149 20.50 6.43 -0.56
CA PRO B 149 21.43 6.61 -1.68
C PRO B 149 22.23 7.91 -1.66
N LEU B 150 21.63 8.98 -1.11
CA LEU B 150 22.27 10.28 -1.05
C LEU B 150 23.39 10.27 -0.01
N PHE B 151 23.16 9.62 1.14
CA PHE B 151 24.22 9.47 2.13
C PHE B 151 25.38 8.67 1.54
N VAL B 152 25.06 7.58 0.83
CA VAL B 152 26.08 6.72 0.24
C VAL B 152 26.86 7.50 -0.82
N LYS B 153 26.15 8.28 -1.63
CA LYS B 153 26.77 9.03 -2.70
C LYS B 153 27.87 9.95 -2.15
N HIS B 154 27.58 10.62 -1.03
CA HIS B 154 28.48 11.63 -0.49
C HIS B 154 29.53 11.03 0.43
N TYR B 155 29.21 9.91 1.11
CA TYR B 155 30.05 9.41 2.19
C TYR B 155 30.60 8.02 1.91
N GLY B 156 29.91 7.21 1.10
CA GLY B 156 30.31 5.83 0.84
C GLY B 156 30.04 4.90 2.02
N THR B 157 29.02 5.25 2.83
CA THR B 157 28.63 4.49 4.01
C THR B 157 28.34 3.03 3.61
N GLN B 158 28.80 2.08 4.43
CA GLN B 158 28.63 0.67 4.15
C GLN B 158 27.14 0.30 4.28
N ALA B 159 26.66 -0.57 3.39
CA ALA B 159 25.25 -0.92 3.28
C ALA B 159 24.73 -1.53 4.57
N GLU B 160 25.58 -2.30 5.27
CA GLU B 160 25.20 -3.04 6.45
C GLU B 160 24.84 -2.12 7.62
N ARG B 161 25.17 -0.83 7.53
CA ARG B 161 24.99 0.10 8.64
C ARG B 161 23.65 0.82 8.56
N PHE B 162 22.88 0.58 7.50
CA PHE B 162 21.57 1.19 7.33
C PHE B 162 20.48 0.20 7.70
N HIS B 163 19.48 0.67 8.47
CA HIS B 163 18.33 -0.13 8.87
C HIS B 163 17.06 0.69 8.63
N LEU B 164 16.23 0.23 7.68
CA LEU B 164 15.01 0.95 7.31
C LEU B 164 13.88 0.57 8.25
N LEU B 165 13.22 1.58 8.82
CA LEU B 165 12.13 1.39 9.78
C LEU B 165 10.81 1.74 9.12
N PRO B 166 9.69 1.08 9.53
CA PRO B 166 8.36 1.51 9.12
C PRO B 166 7.91 2.75 9.89
N PRO B 167 6.69 3.28 9.63
CA PRO B 167 6.17 4.40 10.41
C PRO B 167 5.88 4.04 11.86
N GLY B 168 5.73 5.06 12.70
CA GLY B 168 5.44 4.89 14.11
C GLY B 168 4.32 5.81 14.57
N ILE B 169 3.16 5.69 13.92
CA ILE B 169 1.99 6.47 14.26
C ILE B 169 1.50 6.02 15.64
N SER B 170 1.09 6.98 16.48
CA SER B 170 0.62 6.68 17.83
C SER B 170 -0.86 6.32 17.78
N GLN B 171 -1.30 5.50 18.75
CA GLN B 171 -2.63 4.93 18.73
C GLN B 171 -3.70 6.00 18.91
N ASP B 172 -3.36 7.12 19.58
CA ASP B 172 -4.33 8.17 19.85
C ASP B 172 -4.70 8.92 18.57
N ARG B 173 -3.95 8.69 17.47
CA ARG B 173 -4.28 9.28 16.18
C ARG B 173 -5.33 8.44 15.44
N ARG B 174 -5.50 7.17 15.83
CA ARG B 174 -6.49 6.31 15.19
C ARG B 174 -7.89 6.78 15.57
N ALA B 175 -8.82 6.74 14.60
CA ALA B 175 -10.20 7.14 14.85
C ALA B 175 -10.77 6.32 16.01
N PRO B 176 -11.28 6.96 17.08
CA PRO B 176 -11.84 6.23 18.22
C PRO B 176 -13.26 5.76 17.96
N ALA B 177 -13.79 4.97 18.90
CA ALA B 177 -15.15 4.45 18.82
C ALA B 177 -16.16 5.61 18.74
N ASN B 178 -15.85 6.71 19.42
CA ASN B 178 -16.75 7.85 19.53
C ASN B 178 -16.36 8.96 18.56
N ALA B 179 -15.81 8.58 17.38
CA ALA B 179 -15.30 9.54 16.42
C ALA B 179 -16.37 10.55 16.01
N ALA B 180 -17.61 10.07 15.83
CA ALA B 180 -18.71 10.94 15.43
C ALA B 180 -18.94 12.03 16.47
N ASP B 181 -18.88 11.65 17.77
CA ASP B 181 -19.08 12.59 18.86
C ASP B 181 -17.97 13.64 18.88
N VAL B 182 -16.73 13.21 18.67
CA VAL B 182 -15.58 14.10 18.72
C VAL B 182 -15.69 15.10 17.57
N ARG B 183 -16.05 14.62 16.37
CA ARG B 183 -16.18 15.48 15.21
C ARG B 183 -17.24 16.55 15.46
N ALA B 184 -18.40 16.12 15.99
CA ALA B 184 -19.53 17.00 16.23
C ALA B 184 -19.15 18.12 17.21
N GLU B 185 -18.45 17.76 18.29
CA GLU B 185 -18.06 18.70 19.33
C GLU B 185 -17.05 19.70 18.78
N PHE B 186 -16.10 19.24 17.96
CA PHE B 186 -15.13 20.11 17.34
C PHE B 186 -15.84 21.11 16.42
N ARG B 187 -16.73 20.61 15.55
CA ARG B 187 -17.35 21.46 14.56
C ARG B 187 -18.26 22.49 15.24
N ARG B 188 -18.89 22.11 16.37
CA ARG B 188 -19.66 23.06 17.16
C ARG B 188 -18.74 24.14 17.71
N GLU B 189 -17.62 23.73 18.33
CA GLU B 189 -16.67 24.65 18.95
C GLU B 189 -16.19 25.69 17.93
N PHE B 190 -15.90 25.24 16.70
CA PHE B 190 -15.33 26.10 15.68
C PHE B 190 -16.42 26.75 14.82
N GLY B 191 -17.68 26.46 15.13
CA GLY B 191 -18.81 27.10 14.47
C GLY B 191 -18.95 26.68 13.00
N LEU B 192 -18.67 25.39 12.74
CA LEU B 192 -18.70 24.84 11.39
C LEU B 192 -20.04 24.15 11.16
N GLU B 193 -20.67 24.47 10.02
CA GLU B 193 -21.90 23.83 9.59
C GLU B 193 -21.59 22.70 8.63
N GLU B 194 -22.62 21.91 8.28
CA GLU B 194 -22.44 20.71 7.48
C GLU B 194 -21.96 21.04 6.06
N ASP B 195 -22.16 22.28 5.60
CA ASP B 195 -21.76 22.65 4.25
C ASP B 195 -20.38 23.30 4.24
N ASP B 196 -19.82 23.59 5.42
CA ASP B 196 -18.47 24.14 5.51
C ASP B 196 -17.45 23.05 5.21
N LEU B 197 -16.41 23.42 4.46
CA LEU B 197 -15.32 22.50 4.13
C LEU B 197 -14.03 22.99 4.79
N LEU B 198 -13.57 22.27 5.81
CA LEU B 198 -12.40 22.68 6.56
C LEU B 198 -11.16 21.96 6.03
N LEU B 199 -10.20 22.73 5.52
CA LEU B 199 -8.88 22.24 5.19
C LEU B 199 -7.97 22.43 6.41
N VAL B 200 -7.13 21.44 6.70
CA VAL B 200 -6.11 21.58 7.73
C VAL B 200 -4.74 21.39 7.11
N GLN B 201 -3.82 22.28 7.49
CA GLN B 201 -2.41 22.22 7.16
C GLN B 201 -1.64 22.13 8.47
N ILE B 202 -1.07 20.96 8.78
CA ILE B 202 -0.53 20.70 10.11
C ILE B 202 0.97 20.47 10.02
N GLY B 203 1.71 21.20 10.87
CA GLY B 203 3.15 21.04 10.99
C GLY B 203 3.86 22.40 10.95
N SER B 204 4.79 22.60 11.90
CA SER B 204 5.64 23.77 11.91
C SER B 204 6.55 23.76 10.70
N GLY B 205 6.81 24.97 10.14
CA GLY B 205 7.55 25.12 8.91
C GLY B 205 6.61 25.30 7.72
N PHE B 206 5.77 26.34 7.78
CA PHE B 206 4.69 26.55 6.83
C PHE B 206 5.24 26.79 5.42
N LYS B 207 6.41 27.45 5.33
CA LYS B 207 7.02 27.79 4.06
C LYS B 207 7.35 26.50 3.29
N THR B 208 8.14 25.62 3.94
CA THR B 208 8.58 24.37 3.33
C THR B 208 7.40 23.44 3.06
N LYS B 209 6.39 23.48 3.96
CA LYS B 209 5.25 22.57 3.87
C LYS B 209 4.18 23.12 2.94
N GLY B 210 4.38 24.32 2.37
CA GLY B 210 3.64 24.76 1.21
C GLY B 210 2.35 25.51 1.53
N LEU B 211 2.31 26.22 2.67
CA LEU B 211 1.12 26.97 3.04
C LEU B 211 0.80 28.02 1.97
N ASP B 212 1.82 28.60 1.34
CA ASP B 212 1.61 29.60 0.31
C ASP B 212 0.84 28.96 -0.85
N ARG B 213 1.20 27.72 -1.21
CA ARG B 213 0.54 27.00 -2.28
C ARG B 213 -0.91 26.70 -1.90
N SER B 214 -1.13 26.31 -0.64
CA SER B 214 -2.45 25.97 -0.13
C SER B 214 -3.38 27.17 -0.22
N LEU B 215 -2.89 28.34 0.23
CA LEU B 215 -3.68 29.56 0.23
C LEU B 215 -4.09 29.93 -1.20
N LYS B 216 -3.15 29.80 -2.15
CA LYS B 216 -3.43 30.10 -3.55
C LYS B 216 -4.51 29.17 -4.10
N ALA B 217 -4.45 27.88 -3.72
CA ALA B 217 -5.41 26.90 -4.21
C ALA B 217 -6.81 27.18 -3.66
N LEU B 218 -6.87 27.57 -2.38
CA LEU B 218 -8.12 27.95 -1.72
C LEU B 218 -8.73 29.15 -2.43
N SER B 219 -7.91 30.19 -2.68
CA SER B 219 -8.34 31.40 -3.34
C SER B 219 -8.85 31.13 -4.75
N ALA B 220 -8.25 30.15 -5.45
CA ALA B 220 -8.57 29.89 -6.85
C ALA B 220 -9.80 29.01 -7.01
N LEU B 221 -10.40 28.53 -5.91
CA LEU B 221 -11.56 27.66 -5.99
C LEU B 221 -12.70 28.36 -6.74
N PRO B 222 -13.53 27.61 -7.51
CA PRO B 222 -14.77 28.16 -8.05
C PRO B 222 -15.66 28.74 -6.94
N LYS B 223 -16.46 29.76 -7.31
CA LYS B 223 -17.19 30.60 -6.37
C LYS B 223 -17.91 29.77 -5.31
N ALA B 224 -18.65 28.73 -5.75
CA ALA B 224 -19.50 27.98 -4.84
C ALA B 224 -18.67 27.28 -3.77
N LEU B 225 -17.54 26.68 -4.17
CA LEU B 225 -16.64 26.01 -3.24
C LEU B 225 -15.86 27.03 -2.40
N ARG B 226 -15.46 28.15 -3.03
CA ARG B 226 -14.67 29.16 -2.35
C ARG B 226 -15.42 29.72 -1.16
N ARG B 227 -16.74 29.89 -1.28
CA ARG B 227 -17.56 30.43 -0.20
C ARG B 227 -17.62 29.47 0.99
N ARG B 228 -17.52 28.17 0.73
CA ARG B 228 -17.74 27.14 1.74
C ARG B 228 -16.45 26.75 2.45
N THR B 229 -15.29 27.09 1.87
CA THR B 229 -14.03 26.50 2.28
C THR B 229 -13.29 27.40 3.26
N ARG B 230 -12.71 26.77 4.29
CA ARG B 230 -11.92 27.45 5.31
C ARG B 230 -10.62 26.67 5.49
N LEU B 231 -9.59 27.33 6.02
CA LEU B 231 -8.33 26.65 6.29
C LEU B 231 -7.84 27.01 7.69
N ILE B 232 -7.36 25.98 8.41
CA ILE B 232 -6.65 26.17 9.66
C ILE B 232 -5.25 25.58 9.48
N ALA B 233 -4.23 26.42 9.73
CA ALA B 233 -2.84 25.97 9.75
C ALA B 233 -2.38 25.91 11.21
N ILE B 234 -1.67 24.83 11.57
CA ILE B 234 -1.24 24.61 12.94
C ILE B 234 0.27 24.39 12.97
N GLY B 235 0.96 25.32 13.64
CA GLY B 235 2.42 25.29 13.72
C GLY B 235 2.95 26.44 14.57
N GLN B 236 4.22 26.34 14.96
CA GLN B 236 4.83 27.29 15.89
C GLN B 236 5.30 28.55 15.17
N ASP B 237 5.22 28.56 13.83
CA ASP B 237 5.76 29.64 13.02
C ASP B 237 5.14 30.98 13.37
N ASP B 238 5.89 32.05 13.09
CA ASP B 238 5.37 33.41 13.10
C ASP B 238 4.38 33.55 11.94
N PRO B 239 3.10 33.88 12.20
CA PRO B 239 2.11 33.97 11.11
C PRO B 239 2.24 35.19 10.20
N LYS B 240 3.06 36.17 10.62
CA LYS B 240 2.98 37.53 10.10
C LYS B 240 3.19 37.56 8.58
N PRO B 241 4.19 36.84 8.00
CA PRO B 241 4.37 36.82 6.54
C PRO B 241 3.17 36.28 5.75
N PHE B 242 2.42 35.35 6.36
CA PHE B 242 1.32 34.70 5.69
C PHE B 242 0.06 35.56 5.76
N LEU B 243 -0.06 36.40 6.79
CA LEU B 243 -1.21 37.26 6.96
C LEU B 243 -1.29 38.25 5.80
N LEU B 244 -0.12 38.67 5.29
CA LEU B 244 0.00 39.55 4.15
C LEU B 244 -0.60 38.90 2.89
N GLN B 245 -0.26 37.63 2.67
CA GLN B 245 -0.78 36.86 1.54
C GLN B 245 -2.29 36.66 1.70
N ILE B 246 -2.70 36.34 2.93
CA ILE B 246 -4.10 36.06 3.25
C ILE B 246 -4.95 37.29 2.90
N ALA B 247 -4.48 38.47 3.28
CA ALA B 247 -5.22 39.70 3.08
C ALA B 247 -5.36 40.00 1.59
N ALA B 248 -4.26 39.83 0.84
CA ALA B 248 -4.23 40.15 -0.58
C ALA B 248 -5.13 39.20 -1.38
N LEU B 249 -5.31 37.98 -0.88
CA LEU B 249 -6.17 37.00 -1.54
C LEU B 249 -7.62 37.20 -1.12
N GLY B 250 -7.86 38.04 -0.11
CA GLY B 250 -9.20 38.30 0.39
C GLY B 250 -9.75 37.16 1.25
N LEU B 251 -8.86 36.53 2.03
CA LEU B 251 -9.18 35.30 2.76
C LEU B 251 -9.14 35.52 4.28
N ASN B 252 -9.17 36.78 4.72
CA ASN B 252 -9.06 37.11 6.14
C ASN B 252 -10.07 36.33 6.98
N ASP B 253 -11.29 36.15 6.46
CA ASP B 253 -12.39 35.59 7.23
C ASP B 253 -12.46 34.07 7.07
N GLN B 254 -11.56 33.47 6.29
CA GLN B 254 -11.64 32.06 5.95
C GLN B 254 -10.36 31.30 6.32
N VAL B 255 -9.35 31.98 6.86
CA VAL B 255 -8.09 31.35 7.22
C VAL B 255 -7.75 31.73 8.66
N GLN B 256 -7.33 30.72 9.44
CA GLN B 256 -6.76 30.93 10.76
C GLN B 256 -5.41 30.21 10.83
N ILE B 257 -4.45 30.83 11.53
CA ILE B 257 -3.18 30.18 11.80
C ILE B 257 -3.06 30.03 13.31
N LEU B 258 -2.96 28.78 13.78
CA LEU B 258 -2.92 28.47 15.20
C LEU B 258 -1.50 28.04 15.58
N LYS B 259 -1.15 28.29 16.85
CA LYS B 259 0.09 27.81 17.42
C LYS B 259 0.00 26.30 17.65
N GLY B 260 1.16 25.66 17.86
CA GLY B 260 1.23 24.24 18.14
C GLY B 260 0.31 23.84 19.29
N ARG B 261 -0.21 22.61 19.24
CA ARG B 261 -1.14 22.14 20.26
C ARG B 261 -1.20 20.62 20.29
N SER B 262 -1.74 20.09 21.39
CA SER B 262 -1.68 18.66 21.67
C SER B 262 -2.89 17.92 21.11
N ASP B 263 -3.97 18.63 20.79
CA ASP B 263 -5.24 17.99 20.46
C ASP B 263 -5.41 17.83 18.95
N ILE B 264 -4.33 17.42 18.26
CA ILE B 264 -4.35 17.26 16.81
C ILE B 264 -5.44 16.27 16.39
N PRO B 265 -5.65 15.14 17.10
CA PRO B 265 -6.71 14.19 16.71
C PRO B 265 -8.09 14.80 16.50
N ARG B 266 -8.45 15.81 17.30
CA ARG B 266 -9.74 16.48 17.17
C ARG B 266 -9.85 17.15 15.81
N PHE B 267 -8.76 17.79 15.39
CA PHE B 267 -8.70 18.50 14.12
C PHE B 267 -8.78 17.52 12.96
N LEU B 268 -8.14 16.35 13.10
CA LEU B 268 -8.15 15.34 12.05
C LEU B 268 -9.56 14.78 11.86
N LEU B 269 -10.32 14.64 12.96
CA LEU B 269 -11.66 14.09 12.89
C LEU B 269 -12.68 15.16 12.47
N GLY B 270 -12.38 16.42 12.80
CA GLY B 270 -13.30 17.53 12.57
C GLY B 270 -13.17 18.14 11.18
N ALA B 271 -12.03 17.90 10.51
CA ALA B 271 -11.71 18.49 9.23
C ALA B 271 -12.31 17.68 8.09
N ASP B 272 -12.19 18.22 6.87
CA ASP B 272 -12.75 17.58 5.68
C ASP B 272 -11.64 17.19 4.70
N LEU B 273 -10.49 17.87 4.77
CA LEU B 273 -9.33 17.50 3.98
C LEU B 273 -8.05 17.98 4.69
N LEU B 274 -7.02 17.13 4.69
CA LEU B 274 -5.68 17.59 5.03
C LEU B 274 -4.96 17.94 3.73
N ILE B 275 -4.41 19.15 3.69
CA ILE B 275 -3.69 19.62 2.51
C ILE B 275 -2.22 19.78 2.88
N HIS B 276 -1.34 19.24 2.06
CA HIS B 276 0.08 19.18 2.38
C HIS B 276 0.90 19.23 1.09
N PRO B 277 0.92 20.39 0.38
CA PRO B 277 1.67 20.53 -0.87
C PRO B 277 3.11 21.00 -0.62
N ALA B 278 3.86 20.19 0.13
CA ALA B 278 5.19 20.55 0.58
C ALA B 278 6.16 20.65 -0.60
N TYR B 279 7.14 21.56 -0.47
CA TYR B 279 8.25 21.68 -1.41
C TYR B 279 9.17 20.48 -1.26
N ASN B 280 9.33 20.06 0.00
CA ASN B 280 10.07 18.85 0.35
C ASN B 280 9.60 18.39 1.72
N GLU B 281 9.74 17.08 1.97
CA GLU B 281 9.27 16.46 3.20
C GLU B 281 9.86 15.04 3.25
N ASN B 282 10.73 14.80 4.24
CA ASN B 282 11.46 13.54 4.34
C ASN B 282 10.46 12.39 4.45
N THR B 283 9.45 12.54 5.31
CA THR B 283 8.39 11.55 5.44
C THR B 283 7.03 12.22 5.41
N GLY B 284 6.63 12.79 6.56
CA GLY B 284 5.33 13.45 6.69
C GLY B 284 4.34 12.62 7.50
N THR B 285 4.62 12.52 8.81
CA THR B 285 3.80 11.76 9.75
C THR B 285 2.33 12.18 9.68
N VAL B 286 2.07 13.49 9.50
CA VAL B 286 0.69 14.00 9.50
C VAL B 286 -0.11 13.38 8.35
N LEU B 287 0.57 12.97 7.27
CA LEU B 287 -0.10 12.33 6.14
C LEU B 287 -0.78 11.05 6.61
N LEU B 288 -0.06 10.25 7.42
CA LEU B 288 -0.55 8.96 7.89
C LEU B 288 -1.51 9.15 9.07
N GLU B 289 -1.32 10.22 9.87
CA GLU B 289 -2.24 10.53 10.95
C GLU B 289 -3.62 10.85 10.37
N ALA B 290 -3.66 11.59 9.27
CA ALA B 290 -4.90 11.86 8.55
C ALA B 290 -5.52 10.55 8.07
N LEU B 291 -4.69 9.69 7.45
CA LEU B 291 -5.14 8.42 6.92
C LEU B 291 -5.82 7.58 8.00
N VAL B 292 -5.18 7.45 9.18
CA VAL B 292 -5.72 6.58 10.22
C VAL B 292 -6.90 7.23 10.93
N SER B 293 -7.12 8.55 10.70
CA SER B 293 -8.28 9.27 11.18
C SER B 293 -9.43 9.25 10.16
N GLY B 294 -9.16 8.71 8.96
CA GLY B 294 -10.15 8.71 7.89
C GLY B 294 -10.34 10.11 7.30
N LEU B 295 -9.29 10.93 7.35
CA LEU B 295 -9.31 12.26 6.76
C LEU B 295 -8.62 12.19 5.39
N PRO B 296 -9.34 12.44 4.27
CA PRO B 296 -8.71 12.43 2.95
C PRO B 296 -7.55 13.42 2.86
N VAL B 297 -6.54 13.05 2.06
CA VAL B 297 -5.29 13.79 1.98
C VAL B 297 -5.04 14.24 0.54
N LEU B 298 -4.59 15.50 0.40
CA LEU B 298 -4.01 16.03 -0.84
C LEU B 298 -2.55 16.37 -0.54
N VAL B 299 -1.62 15.70 -1.25
CA VAL B 299 -0.20 15.80 -0.95
C VAL B 299 0.61 15.80 -2.24
N THR B 300 1.78 16.44 -2.20
CA THR B 300 2.76 16.38 -3.29
C THR B 300 3.54 15.06 -3.23
N ASP B 301 3.93 14.57 -4.40
CA ASP B 301 4.59 13.27 -4.51
C ASP B 301 6.02 13.32 -3.96
N VAL B 302 6.54 14.53 -3.67
CA VAL B 302 7.89 14.67 -3.14
C VAL B 302 7.95 14.15 -1.70
N CYS B 303 6.81 14.07 -1.01
CA CYS B 303 6.80 13.63 0.39
C CYS B 303 7.04 12.13 0.48
N GLY B 304 7.88 11.73 1.45
CA GLY B 304 8.31 10.36 1.60
C GLY B 304 7.18 9.39 1.92
N TYR B 305 6.10 9.87 2.56
CA TYR B 305 4.98 9.05 2.93
C TYR B 305 3.79 9.23 1.97
N ALA B 306 3.98 10.01 0.88
CA ALA B 306 2.90 10.25 -0.07
C ALA B 306 2.41 8.94 -0.68
N HIS B 307 3.31 7.98 -0.90
CA HIS B 307 2.97 6.74 -1.59
C HIS B 307 1.89 5.97 -0.83
N TYR B 308 1.89 6.07 0.50
CA TYR B 308 0.88 5.42 1.33
C TYR B 308 -0.52 5.88 0.97
N ILE B 309 -0.67 7.17 0.66
CA ILE B 309 -1.96 7.75 0.32
C ILE B 309 -2.49 7.09 -0.96
N ALA B 310 -1.63 6.97 -1.97
CA ALA B 310 -2.01 6.35 -3.23
C ALA B 310 -2.30 4.88 -3.02
N GLU B 311 -1.44 4.19 -2.27
CA GLU B 311 -1.54 2.76 -2.06
C GLU B 311 -2.81 2.41 -1.29
N ALA B 312 -3.24 3.30 -0.36
CA ALA B 312 -4.43 3.08 0.44
C ALA B 312 -5.70 3.58 -0.26
N ASP B 313 -5.54 4.34 -1.35
CA ASP B 313 -6.65 5.02 -2.01
C ASP B 313 -7.36 5.91 -0.99
N ALA B 314 -6.57 6.74 -0.30
CA ALA B 314 -7.06 7.54 0.83
C ALA B 314 -6.87 9.03 0.54
N GLY B 315 -6.85 9.38 -0.75
CA GLY B 315 -6.69 10.76 -1.17
C GLY B 315 -6.08 10.87 -2.56
N ARG B 316 -5.40 11.98 -2.83
CA ARG B 316 -4.79 12.22 -4.12
C ARG B 316 -3.37 12.73 -3.94
N VAL B 317 -2.45 12.22 -4.79
CA VAL B 317 -1.07 12.63 -4.78
C VAL B 317 -0.79 13.43 -6.05
N LEU B 318 -0.33 14.67 -5.88
CA LEU B 318 -0.05 15.56 -7.00
C LEU B 318 1.34 15.25 -7.57
N PRO B 319 1.45 14.90 -8.88
CA PRO B 319 2.74 14.54 -9.47
C PRO B 319 3.68 15.73 -9.68
N SER B 320 4.99 15.44 -9.64
CA SER B 320 6.02 16.43 -9.96
C SER B 320 6.15 16.55 -11.47
N PRO B 321 6.70 17.67 -12.00
CA PRO B 321 7.05 18.85 -11.21
C PRO B 321 5.81 19.66 -10.83
N PHE B 322 5.92 20.44 -9.75
CA PHE B 322 4.78 21.14 -9.19
C PHE B 322 4.27 22.21 -10.17
N GLU B 323 2.95 22.19 -10.40
CA GLU B 323 2.25 23.27 -11.08
C GLU B 323 1.12 23.75 -10.17
N GLN B 324 1.10 25.06 -9.86
CA GLN B 324 0.05 25.61 -9.02
C GLN B 324 -1.32 25.36 -9.65
N ASP B 325 -1.41 25.48 -10.98
CA ASP B 325 -2.66 25.24 -11.70
C ASP B 325 -3.17 23.82 -11.41
N SER B 326 -2.25 22.85 -11.40
CA SER B 326 -2.61 21.46 -11.14
C SER B 326 -3.13 21.28 -9.72
N LEU B 327 -2.50 21.95 -8.75
CA LEU B 327 -2.95 21.90 -7.35
C LEU B 327 -4.36 22.49 -7.26
N ASN B 328 -4.56 23.65 -7.91
CA ASN B 328 -5.85 24.33 -7.90
C ASN B 328 -6.95 23.39 -8.40
N ARG B 329 -6.70 22.75 -9.54
CA ARG B 329 -7.67 21.87 -10.17
C ARG B 329 -7.99 20.68 -9.26
N LEU B 330 -6.94 20.09 -8.66
CA LEU B 330 -7.09 18.90 -7.85
C LEU B 330 -7.87 19.21 -6.58
N LEU B 331 -7.60 20.36 -5.94
CA LEU B 331 -8.33 20.73 -4.74
C LEU B 331 -9.81 20.87 -5.06
N ALA B 332 -10.12 21.57 -6.17
CA ALA B 332 -11.50 21.78 -6.58
C ALA B 332 -12.20 20.44 -6.84
N GLU B 333 -11.49 19.49 -7.46
CA GLU B 333 -12.07 18.22 -7.84
C GLU B 333 -12.38 17.39 -6.59
N MET B 334 -11.50 17.47 -5.59
CA MET B 334 -11.64 16.69 -4.37
C MET B 334 -12.79 17.25 -3.53
N LEU B 335 -12.89 18.58 -3.47
CA LEU B 335 -13.89 19.24 -2.63
C LEU B 335 -15.28 19.11 -3.25
N GLU B 336 -15.36 19.13 -4.59
CA GLU B 336 -16.63 19.03 -5.30
C GLU B 336 -17.26 17.65 -5.12
N ASP B 337 -16.43 16.62 -4.87
CA ASP B 337 -16.87 15.23 -4.95
C ASP B 337 -17.00 14.63 -3.55
N ALA B 338 -18.19 14.77 -2.95
CA ALA B 338 -18.45 14.30 -1.60
C ALA B 338 -18.40 12.78 -1.53
N PRO B 339 -19.00 12.04 -2.49
CA PRO B 339 -18.84 10.58 -2.56
C PRO B 339 -17.40 10.09 -2.57
N ALA B 340 -16.52 10.76 -3.33
CA ALA B 340 -15.12 10.36 -3.40
C ALA B 340 -14.45 10.54 -2.04
N ARG B 341 -14.74 11.65 -1.36
CA ARG B 341 -14.15 11.91 -0.05
C ARG B 341 -14.66 10.90 0.97
N ALA B 342 -15.93 10.51 0.86
CA ALA B 342 -16.48 9.45 1.69
C ALA B 342 -15.75 8.14 1.45
N ALA B 343 -15.40 7.84 0.20
CA ALA B 343 -14.68 6.61 -0.13
C ALA B 343 -13.23 6.69 0.37
N TRP B 344 -12.58 7.84 0.18
CA TRP B 344 -11.20 8.00 0.65
C TRP B 344 -11.12 7.80 2.16
N SER B 345 -12.16 8.26 2.89
N SER B 345 -12.16 8.26 2.89
CA SER B 345 -12.23 8.13 4.33
CA SER B 345 -12.21 8.11 4.34
C SER B 345 -12.33 6.65 4.73
C SER B 345 -12.31 6.64 4.74
N ARG B 346 -13.29 5.94 4.16
CA ARG B 346 -13.49 4.51 4.39
C ARG B 346 -12.20 3.74 4.09
N ASN B 347 -11.54 4.08 2.97
CA ASN B 347 -10.37 3.36 2.50
C ASN B 347 -9.19 3.55 3.47
N GLY B 348 -9.05 4.77 4.00
CA GLY B 348 -8.01 5.06 4.97
C GLY B 348 -8.15 4.21 6.23
N LEU B 349 -9.37 4.19 6.79
CA LEU B 349 -9.66 3.45 8.00
C LEU B 349 -9.44 1.95 7.78
N ALA B 350 -9.84 1.44 6.60
CA ALA B 350 -9.63 0.05 6.25
C ALA B 350 -8.14 -0.25 6.21
N TYR B 351 -7.37 0.60 5.53
CA TYR B 351 -5.93 0.45 5.40
C TYR B 351 -5.27 0.47 6.77
N ALA B 352 -5.73 1.39 7.64
CA ALA B 352 -5.14 1.58 8.96
C ALA B 352 -5.29 0.33 9.82
N ASP B 353 -6.24 -0.54 9.47
CA ASP B 353 -6.57 -1.69 10.31
C ASP B 353 -5.67 -2.88 10.01
N HIS B 354 -4.95 -2.86 8.88
CA HIS B 354 -4.07 -3.96 8.51
C HIS B 354 -2.63 -3.51 8.25
N ALA B 355 -2.39 -2.21 8.01
CA ALA B 355 -1.10 -1.77 7.51
C ALA B 355 -0.10 -1.60 8.65
N ASP B 356 1.19 -1.78 8.32
CA ASP B 356 2.26 -1.69 9.30
C ASP B 356 2.69 -0.23 9.44
N LEU B 357 1.93 0.55 10.22
CA LEU B 357 2.14 1.98 10.33
C LEU B 357 2.58 2.38 11.74
N TYR B 358 2.71 1.41 12.65
CA TYR B 358 2.75 1.69 14.07
C TYR B 358 3.99 1.13 14.77
N SER B 359 4.79 0.32 14.06
CA SER B 359 5.74 -0.57 14.71
C SER B 359 7.15 0.02 14.82
N MET B 360 7.34 1.28 14.37
CA MET B 360 8.68 1.87 14.35
C MET B 360 9.36 1.72 15.71
N PRO B 361 8.72 2.06 16.84
CA PRO B 361 9.41 2.04 18.14
C PRO B 361 9.93 0.66 18.54
N GLN B 362 9.13 -0.38 18.24
CA GLN B 362 9.51 -1.75 18.54
C GLN B 362 10.68 -2.17 17.66
N ARG B 363 10.62 -1.79 16.37
CA ARG B 363 11.67 -2.12 15.42
C ARG B 363 12.97 -1.41 15.81
N ALA B 364 12.87 -0.13 16.18
CA ALA B 364 14.01 0.68 16.57
C ALA B 364 14.68 0.12 17.83
N ALA B 365 13.85 -0.22 18.83
CA ALA B 365 14.35 -0.74 20.10
C ALA B 365 15.07 -2.07 19.90
N ASP B 366 14.52 -2.92 19.01
CA ASP B 366 15.15 -4.19 18.70
C ASP B 366 16.57 -3.98 18.17
N LEU B 367 16.74 -2.99 17.28
CA LEU B 367 18.05 -2.70 16.70
C LEU B 367 18.96 -2.05 17.72
N ILE B 368 18.42 -1.12 18.52
CA ILE B 368 19.20 -0.42 19.53
C ILE B 368 19.75 -1.41 20.55
N LEU B 369 18.92 -2.38 20.96
CA LEU B 369 19.24 -3.25 22.08
C LEU B 369 19.90 -4.56 21.60
N GLY B 370 19.83 -4.83 20.30
CA GLY B 370 20.52 -5.96 19.69
C GLY B 370 19.58 -7.13 19.45
#